data_8T6G
#
_entry.id   8T6G
#
_cell.length_a   46.460
_cell.length_b   214.270
_cell.length_c   56.070
_cell.angle_alpha   90.000
_cell.angle_beta   97.100
_cell.angle_gamma   90.000
#
_symmetry.space_group_name_H-M   'P 1 21 1'
#
loop_
_entity.id
_entity.type
_entity.pdbx_description
1 polymer 'Tyrosine-protein phosphatase non-receptor type 11'
2 non-polymer 'SULFATE ION'
3 non-polymer "(1S)-1-{6-[(1S)-1-amino-1,3-dihydrospiro[indene-2,4'-piperidin]-1'-yl]-3-(3,4-dihydro-1,5-naphthyridin-1(2H)-yl)-1H-pyrazolo[3,4-b]pyrazin-5-yl}ethan-1-ol"
4 water water
#
_entity_poly.entity_id   1
_entity_poly.type   'polypeptide(L)'
_entity_poly.pdbx_seq_one_letter_code
;SMTSRRWFHPNITGVEAENLLLTRGVDGSFLARPSKSNPGDFTLSVRRNGAVTHIKIQNTGDYYDLYGGEKFATLAELVQ
YYMEHHGQLKEKNGDVIELKYPLNCADPTSERWFHGHLSGKEAEKLLTEKGKHGSFLVRESQSHPGDFVLSVRTGDDKGE
SNDGKSKVTHVMIRCQELKYDVGGGERFDSLTDLVEHYKKNPMVETLGTVLQLKQPLNTTRINAAEIESRVRELSKLAET
TDKVKQGFWEEFETLQQQECKLLYSRKEGQRQENKNKNRYKNILPFDHTRVVLHDGDPNEPVSDYINANIIMPEFETKCN
NSKPKKSYIATQGCLQNTVNDFWRMVFQENSRVIVMTTKEVERGKSKCVKYWPDEYALKEYGVMRVRNVKESAAHDYTLR
ELKLSKVGQGNTERTVWQYHFRTWPDHGVPSDPGGVLDFLEEVHHKQESIMDAGPVVVHCSAGIGRTGTFIVIDILIDII
REKGVDCDIDVPKTIQMVRSQRSGMVQTEAQYRFIYMAVQHYIETL
;
_entity_poly.pdbx_strand_id   A,B
#
# COMPACT_ATOMS: atom_id res chain seq x y z
N THR A 3 -30.34 27.42 12.87
CA THR A 3 -29.83 26.06 12.77
C THR A 3 -30.81 25.06 13.38
N SER A 4 -30.96 23.90 12.74
CA SER A 4 -31.88 22.88 13.21
C SER A 4 -31.48 21.53 12.62
N ARG A 5 -31.54 20.49 13.46
CA ARG A 5 -31.29 19.11 13.05
C ARG A 5 -32.46 18.20 13.40
N ARG A 6 -33.68 18.75 13.39
CA ARG A 6 -34.84 17.99 13.80
C ARG A 6 -35.31 16.99 12.75
N TRP A 7 -34.74 17.02 11.54
CA TRP A 7 -35.06 16.01 10.55
C TRP A 7 -34.43 14.65 10.87
N PHE A 8 -33.57 14.59 11.89
CA PHE A 8 -32.96 13.33 12.31
C PHE A 8 -33.83 12.69 13.39
N HIS A 9 -34.32 11.48 13.13
CA HIS A 9 -35.13 10.74 14.08
C HIS A 9 -34.30 9.59 14.65
N PRO A 10 -33.89 9.64 15.91
CA PRO A 10 -32.91 8.64 16.40
C PRO A 10 -33.49 7.26 16.70
N ASN A 11 -34.80 7.11 16.86
CA ASN A 11 -35.33 5.85 17.41
C ASN A 11 -36.48 5.27 16.59
N ILE A 12 -36.58 5.57 15.30
CA ILE A 12 -37.68 5.05 14.50
C ILE A 12 -37.17 3.89 13.65
N THR A 13 -38.11 3.02 13.27
CA THR A 13 -37.83 1.96 12.30
C THR A 13 -38.11 2.46 10.89
N GLY A 14 -37.76 1.63 9.91
CA GLY A 14 -38.05 1.98 8.53
C GLY A 14 -39.55 2.11 8.28
N VAL A 15 -40.35 1.22 8.86
CA VAL A 15 -41.79 1.27 8.67
C VAL A 15 -42.36 2.54 9.29
N GLU A 16 -41.99 2.83 10.54
CA GLU A 16 -42.44 4.06 11.18
C GLU A 16 -42.03 5.28 10.36
N ALA A 17 -40.82 5.25 9.79
CA ALA A 17 -40.39 6.35 8.92
C ALA A 17 -41.30 6.48 7.71
N GLU A 18 -41.69 5.36 7.11
CA GLU A 18 -42.59 5.39 5.97
C GLU A 18 -43.93 6.01 6.35
N ASN A 19 -44.53 5.53 7.46
CA ASN A 19 -45.85 6.02 7.85
C ASN A 19 -45.80 7.49 8.22
N LEU A 20 -44.76 7.92 8.94
CA LEU A 20 -44.62 9.34 9.27
C LEU A 20 -44.64 10.20 8.00
N LEU A 21 -43.87 9.80 6.99
CA LEU A 21 -43.80 10.60 5.77
C LEU A 21 -45.14 10.59 5.01
N LEU A 22 -45.82 9.45 5.00
CA LEU A 22 -47.06 9.34 4.22
C LEU A 22 -48.23 10.01 4.91
N THR A 23 -48.23 10.08 6.25
CA THR A 23 -49.37 10.62 6.98
C THR A 23 -49.15 12.03 7.52
N ARG A 24 -47.92 12.39 7.90
CA ARG A 24 -47.66 13.72 8.42
C ARG A 24 -46.87 14.61 7.47
N GLY A 25 -46.31 14.06 6.39
CA GLY A 25 -45.56 14.82 5.43
C GLY A 25 -46.30 15.00 4.11
N VAL A 26 -45.60 15.65 3.19
CA VAL A 26 -46.08 15.85 1.82
C VAL A 26 -44.93 15.52 0.88
N ASP A 27 -45.24 15.49 -0.42
CA ASP A 27 -44.20 15.31 -1.41
C ASP A 27 -43.10 16.33 -1.20
N GLY A 28 -41.86 15.84 -1.10
CA GLY A 28 -40.73 16.68 -0.73
C GLY A 28 -40.35 16.60 0.73
N SER A 29 -41.18 15.98 1.57
CA SER A 29 -40.81 15.76 2.96
C SER A 29 -39.71 14.70 3.04
N PHE A 30 -38.87 14.82 4.07
CA PHE A 30 -37.73 13.94 4.21
C PHE A 30 -37.34 13.85 5.67
N LEU A 31 -36.59 12.78 5.99
CA LEU A 31 -35.97 12.65 7.30
C LEU A 31 -34.79 11.70 7.16
N ALA A 32 -33.97 11.66 8.21
CA ALA A 32 -32.86 10.73 8.30
C ALA A 32 -32.94 10.00 9.64
N ARG A 33 -32.33 8.83 9.69
CA ARG A 33 -32.41 7.99 10.87
C ARG A 33 -31.28 6.97 10.83
N PRO A 34 -30.89 6.43 11.98
CA PRO A 34 -29.89 5.37 11.98
C PRO A 34 -30.50 4.06 11.49
N SER A 35 -29.70 3.30 10.76
CA SER A 35 -30.16 2.02 10.24
C SER A 35 -30.22 0.98 11.36
N LYS A 36 -31.36 0.29 11.45
CA LYS A 36 -31.50 -0.82 12.39
C LYS A 36 -31.17 -2.16 11.77
N SER A 37 -31.13 -2.23 10.43
CA SER A 37 -30.72 -3.47 9.77
C SER A 37 -29.20 -3.62 9.77
N ASN A 38 -28.48 -2.54 9.44
CA ASN A 38 -27.02 -2.51 9.43
C ASN A 38 -26.57 -1.43 10.42
N PRO A 39 -26.54 -1.74 11.71
CA PRO A 39 -26.13 -0.73 12.71
C PRO A 39 -24.79 -0.11 12.34
N GLY A 40 -24.72 1.22 12.47
CA GLY A 40 -23.58 2.00 12.04
C GLY A 40 -23.84 2.81 10.78
N ASP A 41 -24.84 2.42 10.00
CA ASP A 41 -25.26 3.12 8.79
C ASP A 41 -26.49 3.99 9.08
N PHE A 42 -26.87 4.79 8.09
CA PHE A 42 -28.02 5.66 8.20
C PHE A 42 -28.85 5.54 6.93
N THR A 43 -30.08 6.04 7.01
CA THR A 43 -31.01 5.99 5.88
C THR A 43 -31.68 7.34 5.73
N LEU A 44 -31.64 7.88 4.52
CA LEU A 44 -32.37 9.08 4.18
C LEU A 44 -33.66 8.67 3.46
N SER A 45 -34.80 8.97 4.07
CA SER A 45 -36.10 8.60 3.53
C SER A 45 -36.80 9.86 3.03
N VAL A 46 -37.26 9.82 1.78
CA VAL A 46 -37.82 10.99 1.10
C VAL A 46 -39.14 10.59 0.46
N ARG A 47 -40.15 11.42 0.64
CA ARG A 47 -41.44 11.24 -0.03
C ARG A 47 -41.45 12.00 -1.34
N ARG A 48 -41.89 11.33 -2.41
CA ARG A 48 -42.12 12.02 -3.66
C ARG A 48 -43.12 11.23 -4.50
N ASN A 49 -44.06 11.95 -5.11
CA ASN A 49 -45.11 11.34 -5.92
C ASN A 49 -45.91 10.33 -5.10
N GLY A 50 -46.22 10.69 -3.87
CA GLY A 50 -47.04 9.86 -3.00
C GLY A 50 -46.38 8.61 -2.48
N ALA A 51 -45.09 8.40 -2.74
CA ALA A 51 -44.38 7.21 -2.28
C ALA A 51 -43.11 7.62 -1.55
N VAL A 52 -42.53 6.66 -0.83
CA VAL A 52 -41.34 6.90 -0.01
C VAL A 52 -40.15 6.17 -0.63
N THR A 53 -39.07 6.92 -0.87
CA THR A 53 -37.81 6.35 -1.30
C THR A 53 -36.82 6.33 -0.14
N HIS A 54 -36.06 5.26 -0.04
CA HIS A 54 -35.02 5.11 0.99
C HIS A 54 -33.66 5.08 0.32
N ILE A 55 -32.74 5.90 0.83
CA ILE A 55 -31.39 6.01 0.29
C ILE A 55 -30.40 5.70 1.40
N LYS A 56 -29.52 4.75 1.16
CA LYS A 56 -28.58 4.29 2.18
C LYS A 56 -27.42 5.25 2.32
N ILE A 57 -27.00 5.48 3.57
CA ILE A 57 -25.79 6.22 3.89
C ILE A 57 -24.88 5.30 4.69
N GLN A 58 -23.62 5.23 4.29
CA GLN A 58 -22.65 4.35 4.92
C GLN A 58 -21.50 5.20 5.48
N ASN A 59 -21.04 4.83 6.68
CA ASN A 59 -19.87 5.50 7.27
C ASN A 59 -19.07 4.47 8.05
N THR A 60 -17.89 4.13 7.53
CA THR A 60 -16.97 3.22 8.22
C THR A 60 -15.90 3.96 9.01
N GLY A 61 -15.91 5.29 9.02
CA GLY A 61 -14.98 6.05 9.80
C GLY A 61 -14.35 7.22 9.07
N ASP A 62 -14.56 7.32 7.75
CA ASP A 62 -13.93 8.36 6.96
C ASP A 62 -14.88 9.46 6.49
N TYR A 63 -16.15 9.15 6.24
CA TYR A 63 -17.06 10.13 5.68
C TYR A 63 -18.43 9.48 5.52
N TYR A 64 -19.44 10.32 5.32
CA TYR A 64 -20.81 9.86 5.08
C TYR A 64 -20.99 9.65 3.59
N ASP A 65 -21.15 8.39 3.17
CA ASP A 65 -21.21 8.04 1.75
C ASP A 65 -22.67 7.79 1.37
N LEU A 66 -23.27 8.73 0.65
CA LEU A 66 -24.66 8.65 0.25
C LEU A 66 -24.77 7.87 -1.06
N TYR A 67 -25.46 6.74 -1.02
CA TYR A 67 -25.62 5.93 -2.22
C TYR A 67 -26.27 6.74 -3.33
N GLY A 68 -25.66 6.74 -4.51
CA GLY A 68 -26.11 7.57 -5.61
C GLY A 68 -25.85 9.05 -5.44
N GLY A 69 -25.31 9.47 -4.30
CA GLY A 69 -24.96 10.86 -4.09
C GLY A 69 -23.47 11.03 -3.88
N GLU A 70 -23.09 11.95 -2.99
CA GLU A 70 -21.69 12.28 -2.77
C GLU A 70 -21.26 11.85 -1.36
N LYS A 71 -20.03 12.18 -1.01
CA LYS A 71 -19.48 11.92 0.31
C LYS A 71 -19.43 13.22 1.10
N PHE A 72 -19.81 13.15 2.37
CA PHE A 72 -20.01 14.34 3.19
C PHE A 72 -19.34 14.21 4.54
N ALA A 73 -19.05 15.36 5.15
CA ALA A 73 -18.38 15.37 6.44
C ALA A 73 -19.35 15.19 7.61
N THR A 74 -20.60 15.65 7.45
CA THR A 74 -21.63 15.49 8.46
C THR A 74 -22.97 15.39 7.77
N LEU A 75 -23.95 14.77 8.44
CA LEU A 75 -25.28 14.69 7.87
C LEU A 75 -25.91 16.06 7.69
N ALA A 76 -25.60 17.01 8.59
CA ALA A 76 -26.10 18.37 8.43
C ALA A 76 -25.53 19.03 7.19
N GLU A 77 -24.24 18.82 6.90
CA GLU A 77 -23.67 19.37 5.67
C GLU A 77 -24.26 18.67 4.44
N LEU A 78 -24.60 17.40 4.57
CA LEU A 78 -25.24 16.66 3.48
C LEU A 78 -26.64 17.18 3.21
N VAL A 79 -27.44 17.38 4.27
CA VAL A 79 -28.79 17.89 4.09
C VAL A 79 -28.75 19.32 3.55
N GLN A 80 -27.88 20.16 4.11
CA GLN A 80 -27.78 21.54 3.62
C GLN A 80 -27.41 21.57 2.15
N TYR A 81 -26.49 20.70 1.73
CA TYR A 81 -26.02 20.71 0.35
C TYR A 81 -27.17 20.45 -0.61
N TYR A 82 -27.99 19.44 -0.33
CA TYR A 82 -29.07 19.09 -1.26
C TYR A 82 -30.28 19.99 -1.11
N MET A 83 -30.53 20.53 0.09
CA MET A 83 -31.62 21.48 0.24
C MET A 83 -31.30 22.79 -0.48
N GLU A 84 -30.04 23.23 -0.41
CA GLU A 84 -29.60 24.47 -1.05
C GLU A 84 -29.24 24.21 -2.50
N HIS A 85 -27.96 23.91 -2.72
CA HIS A 85 -27.58 23.22 -3.94
C HIS A 85 -28.59 22.13 -4.17
N HIS A 86 -28.77 21.77 -5.41
CA HIS A 86 -29.44 20.51 -5.66
C HIS A 86 -28.50 19.37 -5.44
N GLY A 87 -27.21 19.62 -5.62
CA GLY A 87 -26.23 18.57 -5.80
C GLY A 87 -26.83 17.46 -6.65
N GLN A 88 -27.87 17.82 -7.40
CA GLN A 88 -28.79 16.86 -8.00
C GLN A 88 -28.67 15.48 -7.39
N LEU A 89 -29.45 15.22 -6.34
CA LEU A 89 -29.67 13.86 -5.88
C LEU A 89 -30.72 13.23 -6.79
N LYS A 90 -30.46 11.99 -7.20
CA LYS A 90 -31.29 11.37 -8.22
C LYS A 90 -31.42 9.86 -8.02
N ASN A 93 -32.86 5.31 -11.48
CA ASN A 93 -33.25 5.33 -12.89
C ASN A 93 -33.60 6.75 -13.35
N GLY A 94 -32.64 7.67 -13.21
CA GLY A 94 -32.73 8.99 -13.80
C GLY A 94 -33.43 10.07 -13.00
N ASP A 95 -34.57 9.75 -12.40
CA ASP A 95 -35.41 10.77 -11.78
C ASP A 95 -34.65 11.52 -10.69
N VAL A 96 -35.18 12.70 -10.34
CA VAL A 96 -34.57 13.61 -9.38
C VAL A 96 -35.26 13.45 -8.04
N ILE A 97 -34.49 13.59 -6.96
CA ILE A 97 -34.99 13.46 -5.60
C ILE A 97 -34.81 14.81 -4.90
N GLU A 98 -35.90 15.37 -4.40
CA GLU A 98 -35.90 16.70 -3.81
C GLU A 98 -36.08 16.62 -2.31
N LEU A 99 -35.18 17.28 -1.57
CA LEU A 99 -35.32 17.47 -0.12
C LEU A 99 -35.92 18.85 0.08
N LYS A 100 -37.23 18.89 0.30
CA LYS A 100 -37.97 20.15 0.38
C LYS A 100 -38.29 20.53 1.84
N TYR A 101 -38.95 19.64 2.56
CA TYR A 101 -39.48 19.94 3.89
C TYR A 101 -38.97 18.93 4.91
N PRO A 102 -38.13 19.33 5.85
CA PRO A 102 -37.76 18.42 6.93
C PRO A 102 -39.00 18.01 7.72
N LEU A 103 -39.14 16.71 7.97
CA LEU A 103 -40.17 16.19 8.84
C LEU A 103 -39.58 16.11 10.24
N ASN A 104 -40.00 17.02 11.12
CA ASN A 104 -39.30 17.25 12.37
C ASN A 104 -39.61 16.17 13.39
N CYS A 105 -38.61 15.83 14.18
CA CYS A 105 -38.71 14.86 15.25
C CYS A 105 -38.99 15.56 16.57
N ALA A 106 -39.91 14.99 17.35
CA ALA A 106 -40.25 15.51 18.67
C ALA A 106 -39.53 14.80 19.80
N ASP A 107 -38.87 13.68 19.52
CA ASP A 107 -38.15 12.92 20.52
C ASP A 107 -37.05 13.77 21.16
N PRO A 108 -37.07 13.97 22.48
CA PRO A 108 -36.01 14.75 23.13
C PRO A 108 -34.77 13.97 23.53
N THR A 109 -34.66 12.69 23.13
CA THR A 109 -33.60 11.82 23.66
C THR A 109 -32.22 12.45 23.53
N SER A 110 -31.98 13.20 22.45
CA SER A 110 -30.64 13.72 22.18
C SER A 110 -30.48 15.19 22.52
N GLU A 111 -31.43 15.79 23.24
CA GLU A 111 -31.25 17.14 23.75
C GLU A 111 -30.22 17.13 24.87
N ARG A 112 -29.40 18.17 24.93
CA ARG A 112 -28.36 18.22 25.96
C ARG A 112 -28.97 18.24 27.37
N TRP A 113 -30.19 18.73 27.51
CA TRP A 113 -30.80 18.91 28.84
C TRP A 113 -31.69 17.76 29.25
N PHE A 114 -31.92 16.78 28.38
CA PHE A 114 -32.85 15.68 28.68
C PHE A 114 -32.09 14.49 29.26
N HIS A 115 -32.61 13.94 30.35
CA HIS A 115 -31.93 12.84 31.03
C HIS A 115 -32.80 11.62 31.24
N GLY A 116 -33.94 11.54 30.56
CA GLY A 116 -34.73 10.31 30.59
C GLY A 116 -35.09 9.89 32.00
N HIS A 117 -34.89 8.60 32.29
CA HIS A 117 -35.36 7.98 33.52
C HIS A 117 -34.50 8.32 34.73
N LEU A 118 -33.79 9.44 34.67
CA LEU A 118 -33.08 9.89 35.87
C LEU A 118 -34.08 10.11 37.00
N SER A 119 -33.70 9.68 38.21
CA SER A 119 -34.55 9.92 39.37
C SER A 119 -34.36 11.33 39.89
N GLY A 120 -35.43 11.88 40.46
CA GLY A 120 -35.43 13.23 41.00
C GLY A 120 -34.33 13.44 42.02
N LYS A 121 -33.84 12.32 42.55
CA LYS A 121 -32.79 12.35 43.55
C LYS A 121 -31.39 12.38 42.90
N GLU A 122 -31.09 11.38 42.07
CA GLU A 122 -29.90 11.43 41.24
C GLU A 122 -29.76 12.83 40.64
N ALA A 123 -30.90 13.41 40.26
CA ALA A 123 -30.91 14.74 39.66
C ALA A 123 -30.52 15.81 40.68
N GLU A 124 -31.03 15.71 41.91
CA GLU A 124 -30.68 16.70 42.93
C GLU A 124 -29.18 16.69 43.21
N LYS A 125 -28.58 15.50 43.25
CA LYS A 125 -27.16 15.39 43.56
C LYS A 125 -26.31 16.06 42.48
N LEU A 126 -26.59 15.77 41.21
CA LEU A 126 -25.84 16.36 40.12
C LEU A 126 -25.95 17.88 40.12
N LEU A 127 -27.15 18.40 40.35
CA LEU A 127 -27.34 19.85 40.31
C LEU A 127 -26.56 20.55 41.41
N THR A 128 -26.47 19.94 42.60
CA THR A 128 -25.76 20.57 43.70
C THR A 128 -24.25 20.50 43.50
N GLU A 129 -23.76 19.39 42.94
CA GLU A 129 -22.31 19.17 42.90
C GLU A 129 -21.66 19.87 41.70
N LYS A 130 -22.22 19.69 40.50
N LYS A 130 -22.23 19.70 40.51
CA LYS A 130 -21.63 20.24 39.29
CA LYS A 130 -21.66 20.22 39.28
C LYS A 130 -22.42 21.41 38.71
C LYS A 130 -22.40 21.42 38.73
N GLY A 131 -23.50 21.84 39.38
CA GLY A 131 -24.31 22.92 38.85
C GLY A 131 -23.79 24.30 39.19
N LYS A 132 -24.21 25.28 38.39
CA LYS A 132 -23.96 26.69 38.63
C LYS A 132 -25.24 27.46 38.33
N HIS A 133 -25.16 28.79 38.42
CA HIS A 133 -26.36 29.58 38.14
C HIS A 133 -26.82 29.38 36.71
N GLY A 134 -28.08 28.99 36.54
CA GLY A 134 -28.64 28.77 35.23
C GLY A 134 -28.58 27.34 34.73
N SER A 135 -27.89 26.45 35.44
CA SER A 135 -27.88 25.05 35.05
C SER A 135 -29.28 24.47 35.20
N PHE A 136 -29.73 23.75 34.18
CA PHE A 136 -31.07 23.15 34.19
C PHE A 136 -31.03 21.80 33.52
N LEU A 137 -32.05 20.99 33.80
CA LEU A 137 -32.19 19.67 33.22
C LEU A 137 -33.67 19.29 33.23
N VAL A 138 -34.02 18.34 32.38
CA VAL A 138 -35.38 17.81 32.27
C VAL A 138 -35.32 16.29 32.40
N ARG A 139 -36.26 15.73 33.15
CA ARG A 139 -36.28 14.29 33.41
C ARG A 139 -37.72 13.81 33.49
N GLU A 140 -37.91 12.51 33.26
CA GLU A 140 -39.22 11.91 33.39
C GLU A 140 -39.62 11.84 34.86
N SER A 141 -40.92 12.02 35.11
CA SER A 141 -41.44 12.01 36.47
C SER A 141 -41.74 10.58 36.89
N GLN A 142 -41.34 10.22 38.11
CA GLN A 142 -41.68 8.91 38.66
C GLN A 142 -43.10 8.90 39.22
N SER A 143 -43.43 9.91 40.03
CA SER A 143 -44.73 9.92 40.70
C SER A 143 -45.88 10.14 39.73
N HIS A 144 -45.63 10.80 38.59
CA HIS A 144 -46.67 11.10 37.60
C HIS A 144 -46.20 10.60 36.24
N PRO A 145 -46.41 9.32 35.95
CA PRO A 145 -45.93 8.76 34.69
C PRO A 145 -46.41 9.57 33.49
N GLY A 146 -45.55 9.68 32.48
CA GLY A 146 -45.83 10.49 31.32
C GLY A 146 -45.50 11.96 31.45
N ASP A 147 -45.44 12.48 32.66
CA ASP A 147 -45.04 13.86 32.89
C ASP A 147 -43.53 13.95 33.07
N PHE A 148 -43.04 15.19 33.15
CA PHE A 148 -41.62 15.45 33.27
C PHE A 148 -41.38 16.47 34.36
N VAL A 149 -40.12 16.64 34.73
CA VAL A 149 -39.72 17.60 35.75
C VAL A 149 -38.57 18.42 35.20
N LEU A 150 -38.72 19.74 35.25
CA LEU A 150 -37.67 20.68 34.89
C LEU A 150 -37.09 21.24 36.18
N SER A 151 -35.79 21.04 36.39
CA SER A 151 -35.11 21.53 37.58
C SER A 151 -34.04 22.52 37.17
N VAL A 152 -34.04 23.68 37.85
CA VAL A 152 -33.14 24.77 37.54
C VAL A 152 -32.39 25.16 38.79
N ARG A 153 -31.11 25.50 38.64
CA ARG A 153 -30.31 26.05 39.73
C ARG A 153 -30.13 27.54 39.50
N THR A 154 -30.33 28.32 40.56
CA THR A 154 -30.14 29.77 40.49
C THR A 154 -29.38 30.21 41.74
N GLY A 155 -28.49 31.18 41.57
CA GLY A 155 -27.76 31.67 42.73
C GLY A 155 -26.54 32.46 42.31
N ASP A 156 -25.52 32.41 43.17
CA ASP A 156 -24.32 33.20 42.99
C ASP A 156 -23.20 32.39 42.36
N ASP A 163 -24.04 27.91 51.46
CA ASP A 163 -24.37 28.94 52.44
C ASP A 163 -25.76 29.53 52.16
N GLY A 164 -26.54 28.85 51.33
CA GLY A 164 -27.89 29.28 51.04
C GLY A 164 -28.02 30.38 50.02
N LYS A 165 -26.93 30.74 49.33
CA LYS A 165 -27.00 31.77 48.29
C LYS A 165 -27.46 31.22 46.95
N SER A 166 -27.52 29.90 46.79
CA SER A 166 -28.05 29.27 45.60
C SER A 166 -29.14 28.29 46.01
N LYS A 167 -30.02 27.98 45.06
N LYS A 167 -30.00 27.96 45.04
CA LYS A 167 -31.10 27.04 45.33
CA LYS A 167 -31.16 27.13 45.29
C LYS A 167 -31.44 26.30 44.05
C LYS A 167 -31.46 26.32 44.03
N VAL A 168 -32.22 25.24 44.20
CA VAL A 168 -32.77 24.46 43.10
C VAL A 168 -34.29 24.65 43.11
N THR A 169 -34.88 24.72 41.92
CA THR A 169 -36.33 24.85 41.76
C THR A 169 -36.83 23.79 40.79
N HIS A 170 -37.91 23.12 41.16
CA HIS A 170 -38.50 22.05 40.36
C HIS A 170 -39.84 22.49 39.81
N VAL A 171 -39.99 22.39 38.49
CA VAL A 171 -41.23 22.74 37.81
C VAL A 171 -41.80 21.48 37.16
N MET A 172 -43.08 21.22 37.39
N MET A 172 -43.08 21.22 37.39
CA MET A 172 -43.73 20.05 36.83
CA MET A 172 -43.73 20.05 36.83
C MET A 172 -44.20 20.34 35.41
C MET A 172 -44.21 20.33 35.41
N ILE A 173 -43.88 19.44 34.49
CA ILE A 173 -44.31 19.53 33.10
C ILE A 173 -45.35 18.45 32.88
N ARG A 174 -46.60 18.87 32.66
CA ARG A 174 -47.68 17.93 32.43
C ARG A 174 -47.79 17.58 30.95
N CYS A 175 -48.05 16.30 30.67
CA CYS A 175 -48.35 15.82 29.33
C CYS A 175 -49.85 15.53 29.28
N GLN A 176 -50.59 16.38 28.56
CA GLN A 176 -52.04 16.27 28.48
C GLN A 176 -52.43 16.12 27.01
N GLU A 177 -52.97 14.97 26.65
CA GLU A 177 -53.41 14.68 25.29
C GLU A 177 -52.38 15.16 24.26
N LEU A 178 -51.14 14.71 24.45
CA LEU A 178 -50.03 14.84 23.51
C LEU A 178 -49.38 16.22 23.51
N LYS A 179 -49.77 17.13 24.38
CA LYS A 179 -49.12 18.44 24.47
C LYS A 179 -48.58 18.65 25.88
N TYR A 180 -47.62 19.57 25.99
CA TYR A 180 -46.86 19.79 27.22
C TYR A 180 -47.06 21.21 27.72
N ASP A 181 -47.15 21.37 29.04
CA ASP A 181 -47.28 22.68 29.66
C ASP A 181 -46.72 22.64 31.07
N VAL A 182 -46.55 23.82 31.66
CA VAL A 182 -46.01 23.91 33.01
C VAL A 182 -47.11 24.36 33.98
N GLY A 183 -48.36 23.99 33.67
CA GLY A 183 -49.48 24.29 34.53
C GLY A 183 -50.31 25.50 34.13
N GLY A 184 -49.86 26.26 33.14
CA GLY A 184 -50.61 27.42 32.68
C GLY A 184 -49.91 28.02 31.48
N GLY A 185 -50.62 28.93 30.82
CA GLY A 185 -50.09 29.57 29.63
C GLY A 185 -50.21 28.71 28.38
N GLU A 186 -49.17 28.68 27.58
CA GLU A 186 -49.21 27.99 26.30
C GLU A 186 -48.99 26.49 26.48
N ARG A 187 -49.48 25.72 25.51
CA ARG A 187 -49.26 24.29 25.44
C ARG A 187 -48.48 23.98 24.17
N PHE A 188 -47.45 23.13 24.29
CA PHE A 188 -46.51 22.90 23.21
C PHE A 188 -46.62 21.46 22.71
N ASP A 189 -46.16 21.26 21.46
CA ASP A 189 -46.23 19.94 20.83
C ASP A 189 -45.05 19.05 21.19
N SER A 190 -44.05 19.56 21.92
CA SER A 190 -42.89 18.76 22.27
C SER A 190 -42.19 19.41 23.45
N LEU A 191 -41.37 18.62 24.14
CA LEU A 191 -40.55 19.17 25.21
C LEU A 191 -39.59 20.23 24.67
N THR A 192 -38.99 19.98 23.50
CA THR A 192 -38.05 20.94 22.94
C THR A 192 -38.71 22.29 22.72
N ASP A 193 -39.92 22.30 22.14
CA ASP A 193 -40.63 23.55 21.94
C ASP A 193 -40.86 24.27 23.28
N LEU A 194 -41.16 23.51 24.33
CA LEU A 194 -41.43 24.13 25.63
C LEU A 194 -40.17 24.73 26.22
N VAL A 195 -39.07 23.97 26.19
CA VAL A 195 -37.81 24.46 26.76
C VAL A 195 -37.36 25.72 26.02
N GLU A 196 -37.40 25.69 24.68
N GLU A 196 -37.39 25.67 24.69
CA GLU A 196 -36.97 26.87 23.92
CA GLU A 196 -37.01 26.84 23.89
C GLU A 196 -37.83 28.09 24.27
C GLU A 196 -37.82 28.06 24.28
N HIS A 197 -39.13 27.90 24.45
CA HIS A 197 -39.98 29.02 24.81
C HIS A 197 -39.54 29.64 26.13
N TYR A 198 -39.40 28.83 27.18
CA TYR A 198 -39.04 29.37 28.48
C TYR A 198 -37.56 29.69 28.60
N LYS A 199 -36.76 29.37 27.57
CA LYS A 199 -35.43 29.95 27.48
C LYS A 199 -35.51 31.42 27.06
N LYS A 200 -36.35 31.73 26.06
CA LYS A 200 -36.52 33.11 25.63
C LYS A 200 -37.41 33.90 26.57
N ASN A 201 -38.43 33.26 27.16
CA ASN A 201 -39.39 33.90 28.05
C ASN A 201 -39.29 33.22 29.42
N PRO A 202 -38.33 33.64 30.24
CA PRO A 202 -38.09 32.92 31.50
C PRO A 202 -39.29 32.98 32.43
N MET A 203 -39.56 31.86 33.09
CA MET A 203 -40.50 31.86 34.19
C MET A 203 -39.96 32.72 35.33
N VAL A 204 -40.85 33.43 36.02
CA VAL A 204 -40.47 34.31 37.11
C VAL A 204 -41.27 33.92 38.34
N GLU A 205 -40.59 33.68 39.46
CA GLU A 205 -41.26 33.25 40.67
C GLU A 205 -42.11 34.38 41.23
N THR A 206 -42.84 34.08 42.30
CA THR A 206 -43.74 35.05 42.90
C THR A 206 -42.99 36.31 43.31
N LEU A 207 -41.82 36.16 43.92
CA LEU A 207 -41.10 37.27 44.54
C LEU A 207 -39.89 37.72 43.73
N GLY A 208 -39.90 37.49 42.41
CA GLY A 208 -38.96 38.11 41.50
C GLY A 208 -37.92 37.19 40.89
N THR A 209 -37.64 36.04 41.52
CA THR A 209 -36.58 35.18 41.02
C THR A 209 -36.86 34.74 39.58
N VAL A 210 -35.90 34.98 38.70
CA VAL A 210 -35.99 34.57 37.31
C VAL A 210 -35.43 33.16 37.19
N LEU A 211 -36.21 32.25 36.59
CA LEU A 211 -35.80 30.86 36.41
C LEU A 211 -35.08 30.72 35.06
N GLN A 212 -33.91 31.34 34.99
CA GLN A 212 -33.15 31.43 33.76
C GLN A 212 -32.61 30.06 33.35
N LEU A 213 -32.96 29.61 32.15
CA LEU A 213 -32.41 28.37 31.59
C LEU A 213 -31.16 28.76 30.80
N LYS A 214 -30.03 28.82 31.50
CA LYS A 214 -28.83 29.40 30.92
C LYS A 214 -27.97 28.36 30.19
N GLN A 215 -27.74 27.20 30.80
CA GLN A 215 -26.97 26.15 30.14
C GLN A 215 -27.34 24.80 30.72
N PRO A 216 -27.41 23.75 29.90
CA PRO A 216 -27.71 22.41 30.44
C PRO A 216 -26.67 22.00 31.45
N LEU A 217 -27.13 21.28 32.48
CA LEU A 217 -26.22 20.73 33.48
C LEU A 217 -25.19 19.82 32.82
N ASN A 218 -23.92 20.01 33.14
CA ASN A 218 -22.86 19.21 32.54
C ASN A 218 -22.77 17.87 33.26
N THR A 219 -23.02 16.79 32.53
CA THR A 219 -22.85 15.44 33.06
C THR A 219 -21.83 14.62 32.28
N THR A 220 -21.07 15.25 31.37
CA THR A 220 -20.06 14.52 30.61
C THR A 220 -18.65 14.74 31.12
N ARG A 221 -18.37 15.88 31.75
CA ARG A 221 -17.04 16.13 32.29
C ARG A 221 -16.76 15.16 33.43
N ILE A 222 -15.57 14.58 33.43
CA ILE A 222 -15.19 13.59 34.45
C ILE A 222 -13.78 13.89 34.94
N ASN A 223 -13.45 13.30 36.09
CA ASN A 223 -12.08 13.26 36.56
C ASN A 223 -11.34 12.13 35.85
N ALA A 224 -10.19 12.45 35.24
CA ALA A 224 -9.49 11.46 34.44
C ALA A 224 -9.14 10.23 35.27
N ALA A 225 -8.80 10.42 36.54
CA ALA A 225 -8.45 9.29 37.40
C ALA A 225 -9.56 8.26 37.50
N GLU A 226 -10.81 8.64 37.21
CA GLU A 226 -11.94 7.72 37.30
C GLU A 226 -12.44 7.26 35.94
N ILE A 227 -11.58 7.31 34.91
CA ILE A 227 -12.03 6.95 33.57
C ILE A 227 -12.49 5.50 33.52
N GLU A 228 -11.89 4.64 34.34
CA GLU A 228 -12.23 3.22 34.27
C GLU A 228 -13.67 2.97 34.71
N SER A 229 -14.09 3.52 35.85
CA SER A 229 -15.46 3.33 36.29
C SER A 229 -16.44 4.04 35.36
N ARG A 230 -16.06 5.21 34.84
CA ARG A 230 -16.92 5.91 33.90
C ARG A 230 -17.16 5.09 32.64
N VAL A 231 -16.09 4.52 32.07
CA VAL A 231 -16.25 3.68 30.89
C VAL A 231 -17.15 2.49 31.21
N ARG A 232 -16.97 1.88 32.38
CA ARG A 232 -17.86 0.79 32.81
C ARG A 232 -19.31 1.28 32.81
N GLU A 233 -19.54 2.47 33.36
CA GLU A 233 -20.89 3.03 33.36
C GLU A 233 -21.40 3.26 31.94
N LEU A 234 -20.60 3.92 31.11
CA LEU A 234 -21.05 4.25 29.77
C LEU A 234 -21.24 3.01 28.90
N SER A 235 -20.59 1.90 29.24
CA SER A 235 -20.69 0.67 28.47
C SER A 235 -21.93 -0.14 28.80
N LYS A 236 -22.62 0.15 29.91
CA LYS A 236 -23.75 -0.66 30.33
C LYS A 236 -24.80 -0.72 29.23
N LEU A 237 -25.40 -1.90 29.06
CA LEU A 237 -26.48 -2.13 28.10
C LEU A 237 -27.78 -2.32 28.88
N ALA A 238 -28.71 -1.40 28.72
CA ALA A 238 -29.99 -1.48 29.42
C ALA A 238 -30.78 -2.67 28.91
N GLU A 239 -31.24 -3.51 29.86
CA GLU A 239 -32.03 -4.68 29.48
C GLU A 239 -33.44 -4.29 29.04
N THR A 240 -34.06 -3.38 29.77
CA THR A 240 -35.33 -2.76 29.38
C THR A 240 -35.13 -1.26 29.24
N THR A 241 -36.17 -0.57 28.81
CA THR A 241 -36.11 0.88 28.71
C THR A 241 -36.25 1.58 30.05
N ASP A 242 -36.55 0.83 31.11
CA ASP A 242 -36.45 1.39 32.46
C ASP A 242 -35.02 1.79 32.77
N LYS A 243 -34.05 0.99 32.32
CA LYS A 243 -32.65 1.19 32.63
C LYS A 243 -31.93 2.07 31.62
N VAL A 244 -32.59 2.48 30.54
CA VAL A 244 -31.95 3.32 29.53
C VAL A 244 -31.50 4.62 30.19
N LYS A 245 -30.19 4.77 30.38
CA LYS A 245 -29.62 5.98 30.94
C LYS A 245 -28.44 6.44 30.11
N GLN A 246 -27.65 7.38 30.64
CA GLN A 246 -26.55 7.96 29.87
C GLN A 246 -25.50 6.89 29.59
N GLY A 247 -25.33 6.55 28.31
CA GLY A 247 -24.27 5.66 27.85
C GLY A 247 -23.52 6.25 26.68
N PHE A 248 -22.65 5.45 26.05
CA PHE A 248 -21.89 5.95 24.90
C PHE A 248 -22.81 6.48 23.81
N TRP A 249 -23.85 5.71 23.47
CA TRP A 249 -24.72 6.10 22.37
C TRP A 249 -25.46 7.39 22.68
N GLU A 250 -25.92 7.56 23.93
CA GLU A 250 -26.62 8.79 24.29
C GLU A 250 -25.69 9.99 24.20
N GLU A 251 -24.48 9.86 24.75
CA GLU A 251 -23.50 10.94 24.63
C GLU A 251 -23.23 11.28 23.16
N PHE A 252 -22.99 10.27 22.34
CA PHE A 252 -22.58 10.52 20.96
C PHE A 252 -23.69 11.19 20.16
N GLU A 253 -24.92 10.66 20.26
CA GLU A 253 -25.99 11.21 19.44
C GLU A 253 -26.42 12.58 19.94
N THR A 254 -26.23 12.86 21.24
CA THR A 254 -26.40 14.23 21.71
C THR A 254 -25.33 15.14 21.13
N LEU A 255 -24.10 14.62 21.01
CA LEU A 255 -23.05 15.38 20.32
C LEU A 255 -23.40 15.61 18.86
N GLN A 256 -23.83 14.56 18.15
CA GLN A 256 -24.16 14.70 16.74
C GLN A 256 -25.25 15.76 16.53
N GLN A 257 -26.20 15.86 17.47
CA GLN A 257 -27.29 16.82 17.31
C GLN A 257 -26.78 18.25 17.30
N GLN A 258 -25.64 18.51 17.95
CA GLN A 258 -25.06 19.84 18.02
C GLN A 258 -24.27 20.21 16.77
N GLU A 259 -24.16 19.33 15.78
CA GLU A 259 -23.35 19.64 14.61
C GLU A 259 -23.98 20.71 13.74
N CYS A 260 -25.31 20.90 13.82
CA CYS A 260 -25.94 21.96 13.03
C CYS A 260 -25.47 23.33 13.45
N LYS A 261 -24.80 23.47 14.59
CA LYS A 261 -24.26 24.75 15.00
C LYS A 261 -22.92 25.06 14.32
N LEU A 262 -22.41 24.15 13.48
CA LEU A 262 -21.06 24.25 12.95
C LEU A 262 -21.06 24.35 11.43
N LEU A 263 -22.13 24.91 10.85
CA LEU A 263 -22.24 25.01 9.40
C LEU A 263 -21.52 26.25 8.89
N TYR A 264 -20.24 26.38 9.24
CA TYR A 264 -19.48 27.57 8.86
C TYR A 264 -19.16 27.57 7.37
N SER A 265 -18.88 28.76 6.84
CA SER A 265 -18.68 28.91 5.40
C SER A 265 -17.42 28.18 4.94
N ARG A 266 -17.50 27.61 3.75
CA ARG A 266 -16.38 26.95 3.08
C ARG A 266 -16.20 27.50 1.67
N LYS A 267 -16.37 28.82 1.53
CA LYS A 267 -16.44 29.41 0.19
C LYS A 267 -15.16 29.18 -0.60
N GLU A 268 -13.99 29.38 0.03
CA GLU A 268 -12.74 29.29 -0.70
C GLU A 268 -12.58 27.95 -1.39
N GLY A 269 -12.91 26.86 -0.70
CA GLY A 269 -12.77 25.54 -1.28
C GLY A 269 -13.74 25.23 -2.40
N GLN A 270 -14.78 26.04 -2.57
CA GLN A 270 -15.73 25.85 -3.66
C GLN A 270 -15.39 26.68 -4.89
N ARG A 271 -14.37 27.55 -4.83
CA ARG A 271 -14.06 28.39 -5.97
C ARG A 271 -13.58 27.55 -7.14
N GLN A 272 -13.79 28.10 -8.34
CA GLN A 272 -13.46 27.39 -9.58
C GLN A 272 -12.06 26.81 -9.55
N GLU A 273 -11.07 27.66 -9.27
CA GLU A 273 -9.67 27.24 -9.35
C GLU A 273 -9.26 26.27 -8.25
N ASN A 274 -10.15 25.94 -7.32
CA ASN A 274 -9.81 25.07 -6.20
C ASN A 274 -10.54 23.73 -6.22
N LYS A 275 -11.44 23.50 -7.19
CA LYS A 275 -12.24 22.29 -7.17
C LYS A 275 -11.38 21.03 -7.24
N ASN A 276 -10.41 21.00 -8.15
CA ASN A 276 -9.62 19.79 -8.33
C ASN A 276 -8.46 19.67 -7.33
N LYS A 277 -8.41 20.55 -6.33
CA LYS A 277 -7.47 20.39 -5.23
C LYS A 277 -8.09 19.68 -4.03
N ASN A 278 -9.36 19.30 -4.14
CA ASN A 278 -10.08 18.62 -3.07
C ASN A 278 -10.25 17.15 -3.44
N ARG A 279 -9.86 16.26 -2.52
CA ARG A 279 -10.02 14.83 -2.76
C ARG A 279 -11.48 14.45 -2.89
N TYR A 280 -12.32 15.01 -2.02
CA TYR A 280 -13.75 14.76 -2.02
C TYR A 280 -14.45 16.10 -2.23
N LYS A 281 -15.33 16.14 -3.24
CA LYS A 281 -15.81 17.41 -3.75
C LYS A 281 -16.50 18.26 -2.68
N ASN A 282 -17.15 17.63 -1.71
CA ASN A 282 -17.94 18.36 -0.72
C ASN A 282 -17.34 18.33 0.68
N ILE A 283 -16.17 17.75 0.86
CA ILE A 283 -15.48 17.80 2.15
C ILE A 283 -14.43 18.88 2.04
N LEU A 284 -14.70 20.02 2.69
CA LEU A 284 -13.96 21.25 2.45
C LEU A 284 -13.55 21.90 3.75
N PRO A 285 -12.47 22.67 3.74
CA PRO A 285 -12.03 23.35 4.97
C PRO A 285 -12.86 24.60 5.25
N PHE A 286 -13.14 24.83 6.53
CA PHE A 286 -13.75 26.08 6.95
C PHE A 286 -12.89 27.26 6.52
N ASP A 287 -13.54 28.31 6.02
CA ASP A 287 -12.80 29.51 5.62
C ASP A 287 -12.01 30.10 6.78
N HIS A 288 -12.61 30.15 7.96
CA HIS A 288 -12.01 30.90 9.06
C HIS A 288 -10.86 30.17 9.75
N THR A 289 -10.61 28.89 9.44
CA THR A 289 -9.42 28.22 9.96
C THR A 289 -8.53 27.60 8.89
N ARG A 290 -8.86 27.71 7.61
CA ARG A 290 -8.06 27.05 6.58
C ARG A 290 -6.64 27.60 6.59
N VAL A 291 -5.71 26.76 6.16
CA VAL A 291 -4.32 27.18 5.98
C VAL A 291 -4.24 28.00 4.70
N VAL A 292 -3.80 29.25 4.82
CA VAL A 292 -3.64 30.14 3.67
C VAL A 292 -2.17 30.12 3.28
N LEU A 293 -1.90 29.78 2.01
CA LEU A 293 -0.53 29.66 1.51
C LEU A 293 -0.11 30.99 0.89
N HIS A 294 0.96 31.58 1.42
CA HIS A 294 1.49 32.85 0.94
C HIS A 294 2.72 32.61 0.06
N ASP A 295 3.26 33.70 -0.47
CA ASP A 295 4.40 33.62 -1.37
C ASP A 295 4.05 32.78 -2.59
N SER A 303 -1.00 30.59 -5.89
CA SER A 303 -2.26 30.15 -5.34
C SER A 303 -2.14 29.91 -3.83
N ASP A 304 -3.23 30.16 -3.10
CA ASP A 304 -3.18 30.20 -1.64
C ASP A 304 -3.95 29.05 -0.98
N TYR A 305 -4.39 28.06 -1.74
CA TYR A 305 -5.39 27.11 -1.24
C TYR A 305 -4.81 25.72 -1.05
N ILE A 306 -5.12 25.12 0.11
CA ILE A 306 -4.92 23.69 0.34
C ILE A 306 -6.04 23.23 1.26
N ASN A 307 -6.50 22.00 1.06
CA ASN A 307 -7.58 21.46 1.88
C ASN A 307 -7.00 21.04 3.22
N ALA A 308 -6.89 22.02 4.12
CA ALA A 308 -6.28 21.82 5.43
C ALA A 308 -6.79 22.90 6.37
N ASN A 309 -6.85 22.57 7.66
CA ASN A 309 -7.26 23.53 8.69
C ASN A 309 -6.31 23.49 9.87
N ILE A 310 -6.09 24.66 10.48
CA ILE A 310 -5.38 24.73 11.74
C ILE A 310 -6.32 24.28 12.85
N ILE A 311 -5.86 23.34 13.67
CA ILE A 311 -6.59 22.87 14.85
C ILE A 311 -5.83 23.32 16.09
N MET A 312 -6.49 24.12 16.93
CA MET A 312 -5.88 24.56 18.17
C MET A 312 -6.60 23.96 19.36
N PRO A 313 -5.88 23.44 20.36
CA PRO A 313 -6.54 22.86 21.53
C PRO A 313 -7.03 23.88 22.54
N GLU A 314 -6.85 25.18 22.28
CA GLU A 314 -7.38 26.25 23.11
C GLU A 314 -8.14 27.24 22.26
N PHE A 315 -8.92 26.72 21.31
CA PHE A 315 -9.66 27.56 20.36
C PHE A 315 -10.78 28.34 21.06
N PRO A 324 1.67 27.53 18.36
CA PRO A 324 1.92 26.69 17.17
C PRO A 324 2.45 25.32 17.55
N LYS A 325 3.46 25.26 18.43
CA LYS A 325 4.03 23.98 18.81
C LYS A 325 3.01 23.04 19.42
N LYS A 326 1.93 23.57 19.99
CA LYS A 326 0.87 22.75 20.58
C LYS A 326 -0.30 22.51 19.64
N SER A 327 -0.21 22.99 18.40
CA SER A 327 -1.30 22.96 17.44
C SER A 327 -1.11 21.83 16.42
N TYR A 328 -2.12 21.65 15.59
CA TYR A 328 -2.11 20.63 14.55
C TYR A 328 -2.59 21.24 13.23
N ILE A 329 -2.25 20.56 12.14
CA ILE A 329 -2.88 20.80 10.84
C ILE A 329 -3.57 19.51 10.45
N ALA A 330 -4.89 19.58 10.27
CA ALA A 330 -5.68 18.45 9.81
C ALA A 330 -5.88 18.62 8.31
N THR A 331 -5.44 17.63 7.53
CA THR A 331 -5.49 17.76 6.08
C THR A 331 -5.87 16.42 5.46
N GLN A 332 -6.19 16.47 4.17
CA GLN A 332 -6.54 15.30 3.38
C GLN A 332 -5.27 14.61 2.87
N GLY A 333 -5.45 13.39 2.38
CA GLY A 333 -4.35 12.71 1.70
C GLY A 333 -4.04 13.38 0.37
N CYS A 334 -2.75 13.59 0.12
CA CYS A 334 -2.33 14.31 -1.08
C CYS A 334 -2.91 13.70 -2.34
N LEU A 335 -3.25 14.56 -3.29
CA LEU A 335 -3.48 14.19 -4.68
C LEU A 335 -2.22 14.51 -5.47
N GLN A 336 -2.11 13.91 -6.67
N GLN A 336 -2.09 13.90 -6.65
CA GLN A 336 -0.91 14.13 -7.46
CA GLN A 336 -0.90 14.15 -7.45
C GLN A 336 -0.71 15.61 -7.80
C GLN A 336 -0.69 15.64 -7.67
N ASN A 337 -1.78 16.38 -7.89
CA ASN A 337 -1.69 17.80 -8.18
C ASN A 337 -1.72 18.68 -6.93
N THR A 338 -1.68 18.10 -5.73
CA THR A 338 -1.56 18.91 -4.53
C THR A 338 -0.27 18.63 -3.74
N VAL A 339 0.59 17.73 -4.23
CA VAL A 339 1.82 17.40 -3.52
C VAL A 339 2.68 18.65 -3.30
N ASN A 340 2.84 19.48 -4.34
CA ASN A 340 3.67 20.67 -4.20
C ASN A 340 3.09 21.64 -3.17
N ASP A 341 1.76 21.80 -3.17
CA ASP A 341 1.12 22.67 -2.18
C ASP A 341 1.28 22.11 -0.78
N PHE A 342 1.25 20.78 -0.64
CA PHE A 342 1.46 20.17 0.67
C PHE A 342 2.81 20.58 1.26
N TRP A 343 3.88 20.54 0.44
CA TRP A 343 5.19 20.88 0.97
C TRP A 343 5.36 22.37 1.18
N ARG A 344 4.68 23.21 0.39
CA ARG A 344 4.63 24.63 0.70
C ARG A 344 4.02 24.86 2.07
N MET A 345 2.96 24.12 2.40
CA MET A 345 2.32 24.27 3.70
C MET A 345 3.26 23.85 4.83
N VAL A 346 3.85 22.66 4.72
CA VAL A 346 4.76 22.15 5.74
C VAL A 346 5.89 23.13 5.99
N PHE A 347 6.46 23.69 4.91
CA PHE A 347 7.57 24.63 5.05
C PHE A 347 7.09 25.95 5.65
N GLN A 348 5.99 26.50 5.14
CA GLN A 348 5.52 27.79 5.60
C GLN A 348 5.13 27.75 7.07
N GLU A 349 4.49 26.68 7.51
CA GLU A 349 4.05 26.57 8.89
C GLU A 349 5.14 26.03 9.81
N ASN A 350 6.31 25.70 9.29
CA ASN A 350 7.44 25.26 10.10
C ASN A 350 7.15 23.93 10.79
N SER A 351 6.29 23.12 10.18
CA SER A 351 5.97 21.82 10.74
C SER A 351 7.18 20.89 10.64
N ARG A 352 7.39 20.10 11.70
CA ARG A 352 8.53 19.18 11.77
C ARG A 352 8.08 17.73 11.92
N VAL A 353 6.78 17.48 12.07
CA VAL A 353 6.26 16.15 12.27
C VAL A 353 5.02 15.99 11.43
N ILE A 354 4.91 14.86 10.72
CA ILE A 354 3.74 14.50 9.94
C ILE A 354 3.24 13.16 10.45
N VAL A 355 1.93 13.07 10.69
CA VAL A 355 1.27 11.83 11.09
C VAL A 355 0.34 11.44 9.97
N MET A 356 0.62 10.30 9.32
CA MET A 356 -0.26 9.80 8.28
C MET A 356 -0.85 8.48 8.73
N THR A 357 -2.19 8.40 8.73
CA THR A 357 -2.88 7.26 9.32
C THR A 357 -3.72 6.53 8.26
N THR A 358 -3.11 6.22 7.13
CA THR A 358 -3.75 5.46 6.07
C THR A 358 -2.65 4.82 5.22
N LYS A 359 -2.98 3.71 4.59
CA LYS A 359 -2.13 3.23 3.51
C LYS A 359 -2.33 4.11 2.28
N GLU A 360 -1.42 4.00 1.32
CA GLU A 360 -1.62 4.69 0.05
C GLU A 360 -2.89 4.19 -0.64
N VAL A 361 -3.15 2.90 -0.52
CA VAL A 361 -4.27 2.26 -1.20
C VAL A 361 -4.94 1.34 -0.18
N GLU A 362 -6.27 1.46 -0.07
CA GLU A 362 -7.06 0.57 0.76
C GLU A 362 -8.30 0.17 -0.02
N ARG A 363 -8.63 -1.12 0.03
CA ARG A 363 -9.78 -1.65 -0.70
C ARG A 363 -9.68 -1.31 -2.19
N GLY A 364 -8.46 -1.32 -2.70
CA GLY A 364 -8.21 -1.10 -4.12
C GLY A 364 -8.27 0.34 -4.59
N LYS A 365 -8.52 1.29 -3.69
CA LYS A 365 -8.71 2.69 -4.06
C LYS A 365 -7.63 3.56 -3.43
N SER A 366 -7.19 4.56 -4.19
CA SER A 366 -6.12 5.45 -3.73
C SER A 366 -6.65 6.39 -2.65
N LYS A 367 -5.94 6.45 -1.52
CA LYS A 367 -6.28 7.31 -0.41
C LYS A 367 -5.31 8.48 -0.23
N CYS A 368 -4.10 8.35 -0.77
CA CYS A 368 -3.07 9.35 -0.61
C CYS A 368 -1.95 9.01 -1.58
N VAL A 369 -1.51 9.98 -2.39
CA VAL A 369 -0.40 9.71 -3.29
C VAL A 369 0.91 9.74 -2.50
N LYS A 370 1.92 9.04 -3.03
CA LYS A 370 3.24 9.07 -2.42
C LYS A 370 3.83 10.46 -2.60
N TYR A 371 3.90 11.23 -1.52
CA TYR A 371 4.43 12.58 -1.56
C TYR A 371 5.83 12.68 -0.98
N TRP A 372 6.47 11.55 -0.71
CA TRP A 372 7.83 11.49 -0.18
C TRP A 372 8.74 10.69 -1.11
N PRO A 373 10.03 11.02 -1.15
CA PRO A 373 10.97 10.27 -2.00
C PRO A 373 11.24 8.88 -1.43
N ASP A 374 11.65 7.97 -2.32
CA ASP A 374 12.14 6.68 -1.87
C ASP A 374 13.33 6.88 -0.92
N GLU A 375 13.61 5.85 -0.12
CA GLU A 375 14.69 5.96 0.84
C GLU A 375 16.01 6.27 0.13
N TYR A 376 16.71 7.28 0.64
CA TYR A 376 18.00 7.77 0.16
C TYR A 376 17.86 8.66 -1.07
N ALA A 377 16.65 8.85 -1.61
CA ALA A 377 16.47 9.60 -2.84
C ALA A 377 16.19 11.07 -2.56
N LEU A 378 16.50 11.91 -3.54
CA LEU A 378 16.23 13.34 -3.48
C LEU A 378 15.25 13.69 -4.59
N LYS A 379 14.21 14.46 -4.23
CA LYS A 379 13.23 14.90 -5.21
C LYS A 379 12.92 16.37 -4.98
N GLU A 380 12.55 17.05 -6.07
CA GLU A 380 12.07 18.42 -6.02
C GLU A 380 10.57 18.43 -6.22
N TYR A 381 9.87 19.15 -5.36
CA TYR A 381 8.43 19.35 -5.48
C TYR A 381 8.20 20.85 -5.67
N GLY A 382 8.08 21.26 -6.93
CA GLY A 382 8.02 22.70 -7.19
C GLY A 382 9.25 23.36 -6.62
N VAL A 383 9.05 24.41 -5.83
CA VAL A 383 10.17 25.14 -5.24
C VAL A 383 10.72 24.47 -3.99
N MET A 384 10.20 23.31 -3.63
CA MET A 384 10.62 22.62 -2.41
C MET A 384 11.42 21.37 -2.76
N ARG A 385 12.40 21.07 -1.91
CA ARG A 385 13.30 19.94 -2.10
C ARG A 385 13.21 19.04 -0.88
N VAL A 386 13.06 17.73 -1.10
CA VAL A 386 12.92 16.77 -0.02
C VAL A 386 13.88 15.61 -0.25
N ARG A 387 14.66 15.28 0.79
CA ARG A 387 15.52 14.10 0.80
C ARG A 387 14.99 13.12 1.83
N ASN A 388 14.84 11.86 1.43
CA ASN A 388 14.45 10.80 2.37
C ASN A 388 15.73 10.20 2.94
N VAL A 389 16.15 10.73 4.09
CA VAL A 389 17.43 10.36 4.69
C VAL A 389 17.43 8.89 5.09
N LYS A 390 16.41 8.47 5.82
CA LYS A 390 16.44 7.12 6.39
C LYS A 390 15.03 6.73 6.81
N GLU A 391 14.68 5.48 6.53
CA GLU A 391 13.43 4.89 6.97
C GLU A 391 13.69 3.86 8.07
N SER A 392 12.76 3.77 9.02
CA SER A 392 12.84 2.84 10.13
C SER A 392 11.49 2.15 10.26
N ALA A 393 11.47 0.84 10.05
CA ALA A 393 10.22 0.08 10.10
C ALA A 393 9.99 -0.44 11.51
N ALA A 394 8.75 -0.31 11.98
CA ALA A 394 8.31 -0.82 13.26
C ALA A 394 7.11 -1.72 13.05
N HIS A 395 6.56 -2.23 14.15
CA HIS A 395 5.46 -3.19 14.06
C HIS A 395 4.23 -2.55 13.41
N ASP A 396 3.77 -1.43 13.95
CA ASP A 396 2.55 -0.79 13.49
C ASP A 396 2.77 0.35 12.52
N TYR A 397 4.00 0.78 12.32
CA TYR A 397 4.23 2.03 11.59
C TYR A 397 5.64 2.04 11.04
N THR A 398 5.88 3.00 10.13
CA THR A 398 7.19 3.25 9.55
C THR A 398 7.54 4.71 9.78
N LEU A 399 8.77 4.97 10.22
CA LEU A 399 9.26 6.33 10.41
C LEU A 399 10.18 6.69 9.26
N ARG A 400 9.94 7.85 8.65
CA ARG A 400 10.77 8.36 7.57
C ARG A 400 11.36 9.69 7.99
N GLU A 401 12.69 9.78 7.98
CA GLU A 401 13.38 11.02 8.29
C GLU A 401 13.59 11.78 6.99
N LEU A 402 12.97 12.95 6.87
CA LEU A 402 13.05 13.77 5.67
C LEU A 402 13.73 15.10 5.96
N LYS A 403 14.45 15.61 4.96
CA LYS A 403 15.06 16.94 5.02
C LYS A 403 14.41 17.82 3.96
N LEU A 404 13.73 18.87 4.40
CA LEU A 404 13.00 19.76 3.52
C LEU A 404 13.75 21.08 3.39
N SER A 405 13.95 21.53 2.16
CA SER A 405 14.59 22.80 1.90
C SER A 405 13.89 23.49 0.74
N LYS A 406 14.09 24.80 0.65
CA LYS A 406 13.59 25.57 -0.48
C LYS A 406 14.72 25.70 -1.51
N VAL A 407 14.41 25.37 -2.76
CA VAL A 407 15.42 25.47 -3.82
C VAL A 407 15.98 26.89 -3.86
N GLY A 408 17.31 26.99 -3.94
CA GLY A 408 17.97 28.27 -3.98
C GLY A 408 18.22 28.92 -2.64
N GLN A 409 17.91 28.24 -1.53
CA GLN A 409 18.03 28.81 -0.18
C GLN A 409 18.58 27.71 0.73
N GLY A 410 19.90 27.52 0.68
CA GLY A 410 20.51 26.45 1.47
C GLY A 410 20.24 26.57 2.96
N ASN A 411 20.04 27.79 3.45
CA ASN A 411 19.90 28.03 4.88
C ASN A 411 18.55 27.63 5.44
N THR A 412 17.63 27.11 4.62
CA THR A 412 16.27 26.82 5.04
C THR A 412 16.03 25.36 5.39
N GLU A 413 17.05 24.51 5.27
CA GLU A 413 16.88 23.08 5.50
C GLU A 413 16.38 22.83 6.92
N ARG A 414 15.43 21.90 7.05
CA ARG A 414 15.00 21.42 8.36
C ARG A 414 14.50 19.99 8.22
N THR A 415 14.70 19.20 9.27
CA THR A 415 14.27 17.82 9.28
C THR A 415 12.77 17.74 9.56
N VAL A 416 12.09 16.90 8.78
CA VAL A 416 10.67 16.63 8.97
C VAL A 416 10.51 15.13 9.19
N TRP A 417 9.86 14.75 10.30
CA TRP A 417 9.73 13.36 10.71
C TRP A 417 8.32 12.87 10.36
N GLN A 418 8.24 11.91 9.44
CA GLN A 418 6.95 11.38 9.01
C GLN A 418 6.67 10.04 9.69
N TYR A 419 5.62 10.01 10.50
CA TYR A 419 5.19 8.82 11.20
C TYR A 419 4.01 8.23 10.44
N HIS A 420 4.25 7.11 9.76
CA HIS A 420 3.28 6.51 8.85
C HIS A 420 2.71 5.25 9.49
N PHE A 421 1.55 5.39 10.13
CA PHE A 421 0.86 4.27 10.77
C PHE A 421 0.17 3.43 9.70
N ARG A 422 0.48 2.13 9.65
CA ARG A 422 0.09 1.31 8.50
C ARG A 422 -0.94 0.23 8.80
N THR A 423 -1.33 0.02 10.06
CA THR A 423 -2.15 -1.12 10.43
C THR A 423 -3.56 -0.75 10.86
N TRP A 424 -3.98 0.51 10.68
CA TRP A 424 -5.36 0.87 10.94
C TRP A 424 -6.27 0.03 10.05
N PRO A 425 -7.30 -0.61 10.61
CA PRO A 425 -8.14 -1.50 9.80
C PRO A 425 -8.89 -0.75 8.70
N ASP A 426 -9.25 -1.50 7.66
CA ASP A 426 -9.92 -0.90 6.51
C ASP A 426 -11.24 -0.24 6.90
N HIS A 427 -12.00 -0.89 7.77
CA HIS A 427 -13.23 -0.34 8.31
C HIS A 427 -13.16 -0.31 9.83
N GLY A 428 -13.84 0.67 10.42
CA GLY A 428 -13.92 0.74 11.87
C GLY A 428 -12.62 1.21 12.52
N VAL A 429 -12.36 0.72 13.72
CA VAL A 429 -11.22 1.16 14.51
C VAL A 429 -10.46 -0.06 15.01
N PRO A 430 -9.21 0.12 15.41
CA PRO A 430 -8.44 -1.01 15.95
C PRO A 430 -9.16 -1.63 17.15
N SER A 431 -8.99 -2.94 17.30
CA SER A 431 -9.62 -3.64 18.41
C SER A 431 -8.99 -3.27 19.75
N ASP A 432 -7.74 -2.80 19.75
CA ASP A 432 -7.05 -2.42 20.98
C ASP A 432 -6.28 -1.12 20.72
N PRO A 433 -6.37 -0.15 21.62
CA PRO A 433 -5.72 1.15 21.40
C PRO A 433 -4.22 1.17 21.70
N GLY A 434 -3.64 0.05 22.13
CA GLY A 434 -2.26 0.07 22.59
C GLY A 434 -1.27 0.48 21.50
N GLY A 435 -1.44 -0.06 20.29
CA GLY A 435 -0.53 0.28 19.21
C GLY A 435 -0.63 1.74 18.80
N VAL A 436 -1.85 2.26 18.72
CA VAL A 436 -2.02 3.68 18.42
C VAL A 436 -1.40 4.54 19.51
N LEU A 437 -1.57 4.14 20.79
CA LEU A 437 -1.04 4.95 21.88
C LEU A 437 0.48 4.92 21.91
N ASP A 438 1.09 3.76 21.64
CA ASP A 438 2.54 3.70 21.55
C ASP A 438 3.05 4.58 20.42
N PHE A 439 2.41 4.48 19.25
CA PHE A 439 2.72 5.35 18.12
C PHE A 439 2.56 6.82 18.49
N LEU A 440 1.41 7.16 19.09
CA LEU A 440 1.14 8.54 19.48
C LEU A 440 2.19 9.06 20.47
N GLU A 441 2.63 8.20 21.38
CA GLU A 441 3.61 8.63 22.38
C GLU A 441 4.91 9.05 21.71
N GLU A 442 5.39 8.25 20.77
CA GLU A 442 6.64 8.58 20.08
C GLU A 442 6.49 9.86 19.27
N VAL A 443 5.34 10.03 18.61
CA VAL A 443 5.07 11.27 17.88
C VAL A 443 5.18 12.47 18.82
N HIS A 444 4.55 12.37 20.00
CA HIS A 444 4.55 13.47 20.93
C HIS A 444 5.97 13.78 21.42
N HIS A 445 6.74 12.74 21.74
CA HIS A 445 8.11 12.96 22.20
C HIS A 445 8.96 13.65 21.16
N LYS A 446 8.86 13.20 19.90
CA LYS A 446 9.63 13.85 18.84
C LYS A 446 9.28 15.33 18.73
N GLN A 447 7.99 15.63 18.66
CA GLN A 447 7.56 17.03 18.54
C GLN A 447 8.09 17.87 19.70
N GLU A 448 8.03 17.35 20.93
CA GLU A 448 8.40 18.16 22.08
C GLU A 448 9.90 18.45 22.12
N SER A 449 10.73 17.55 21.57
CA SER A 449 12.18 17.73 21.57
C SER A 449 12.66 18.76 20.54
N ILE A 450 11.79 19.23 19.64
CA ILE A 450 12.20 20.12 18.56
C ILE A 450 11.85 21.54 18.95
N MET A 451 12.87 22.39 19.14
N MET A 451 12.88 22.38 19.13
CA MET A 451 12.63 23.75 19.57
CA MET A 451 12.67 23.76 19.53
C MET A 451 11.95 24.55 18.47
C MET A 451 11.93 24.53 18.43
N ASP A 452 10.86 25.23 18.81
CA ASP A 452 10.11 26.11 17.91
C ASP A 452 9.43 25.35 16.79
N ALA A 453 9.15 24.06 16.97
CA ALA A 453 8.47 23.31 15.92
C ALA A 453 7.07 23.85 15.69
N GLY A 454 6.64 23.87 14.43
CA GLY A 454 5.31 24.29 14.09
C GLY A 454 4.28 23.23 14.43
N PRO A 455 3.05 23.41 13.94
CA PRO A 455 2.00 22.44 14.23
C PRO A 455 2.29 21.09 13.60
N VAL A 456 1.81 20.05 14.26
CA VAL A 456 1.96 18.69 13.76
C VAL A 456 0.94 18.46 12.66
N VAL A 457 1.39 17.97 11.51
CA VAL A 457 0.51 17.67 10.40
C VAL A 457 -0.05 16.27 10.56
N VAL A 458 -1.37 16.13 10.43
CA VAL A 458 -2.04 14.86 10.57
C VAL A 458 -3.01 14.71 9.41
N HIS A 459 -2.95 13.56 8.73
CA HIS A 459 -3.85 13.35 7.61
C HIS A 459 -4.17 11.88 7.47
N CYS A 460 -5.34 11.61 6.91
CA CYS A 460 -5.70 10.26 6.49
C CYS A 460 -6.15 10.32 5.03
N SER A 461 -7.40 9.96 4.75
CA SER A 461 -7.97 10.09 3.40
C SER A 461 -8.64 11.45 3.24
N ALA A 462 -9.80 11.63 3.89
CA ALA A 462 -10.47 12.92 3.88
C ALA A 462 -9.97 13.85 4.97
N GLY A 463 -9.26 13.33 5.97
CA GLY A 463 -8.67 14.17 6.99
C GLY A 463 -9.61 14.60 8.09
N ILE A 464 -10.65 13.83 8.38
CA ILE A 464 -11.64 14.21 9.40
C ILE A 464 -11.94 13.07 10.36
N GLY A 465 -11.86 11.83 9.89
CA GLY A 465 -12.24 10.70 10.72
C GLY A 465 -11.11 10.16 11.58
N ARG A 466 -10.28 9.29 10.99
CA ARG A 466 -9.07 8.85 11.66
C ARG A 466 -8.25 10.05 12.11
N THR A 467 -8.15 11.07 11.26
CA THR A 467 -7.42 12.28 11.63
C THR A 467 -8.03 12.93 12.85
N GLY A 468 -9.35 13.07 12.88
CA GLY A 468 -10.01 13.65 14.04
C GLY A 468 -9.83 12.81 15.29
N THR A 469 -9.89 11.48 15.14
CA THR A 469 -9.73 10.60 16.29
C THR A 469 -8.33 10.76 16.90
N PHE A 470 -7.30 10.75 16.07
CA PHE A 470 -5.93 10.86 16.58
C PHE A 470 -5.71 12.20 17.29
N ILE A 471 -6.15 13.29 16.68
CA ILE A 471 -5.93 14.62 17.24
C ILE A 471 -6.64 14.77 18.58
N VAL A 472 -7.88 14.30 18.68
CA VAL A 472 -8.62 14.45 19.93
C VAL A 472 -7.93 13.66 21.05
N ILE A 473 -7.53 12.41 20.75
CA ILE A 473 -6.81 11.62 21.75
C ILE A 473 -5.55 12.36 22.21
N ASP A 474 -4.78 12.89 21.26
CA ASP A 474 -3.57 13.62 21.63
C ASP A 474 -3.89 14.83 22.50
N ILE A 475 -4.96 15.54 22.17
CA ILE A 475 -5.35 16.69 22.99
C ILE A 475 -5.70 16.24 24.40
N LEU A 476 -6.50 15.19 24.53
CA LEU A 476 -6.93 14.75 25.85
C LEU A 476 -5.76 14.24 26.67
N ILE A 477 -4.89 13.42 26.07
CA ILE A 477 -3.73 12.91 26.80
C ILE A 477 -2.83 14.06 27.24
N ASP A 478 -2.72 15.09 26.40
CA ASP A 478 -1.84 16.20 26.75
C ASP A 478 -2.36 16.99 27.97
N ILE A 479 -3.67 16.99 28.20
CA ILE A 479 -4.20 17.56 29.42
C ILE A 479 -3.70 16.77 30.63
N ILE A 480 -3.77 15.45 30.54
CA ILE A 480 -3.26 14.59 31.61
C ILE A 480 -1.76 14.80 31.78
N ARG A 481 -1.02 14.95 30.67
CA ARG A 481 0.40 15.23 30.75
C ARG A 481 0.67 16.46 31.60
N GLU A 482 -0.07 17.55 31.33
CA GLU A 482 0.23 18.83 31.95
C GLU A 482 -0.33 18.94 33.37
N LYS A 483 -1.54 18.43 33.59
CA LYS A 483 -2.24 18.63 34.86
C LYS A 483 -2.24 17.40 35.76
N GLY A 484 -1.74 16.26 35.29
CA GLY A 484 -1.80 15.04 36.07
C GLY A 484 -3.15 14.35 35.99
N VAL A 485 -3.20 13.15 36.56
CA VAL A 485 -4.39 12.31 36.42
C VAL A 485 -5.59 12.84 37.19
N ASP A 486 -5.39 13.78 38.13
CA ASP A 486 -6.50 14.33 38.89
C ASP A 486 -7.22 15.46 38.17
N CYS A 487 -7.07 15.57 36.86
CA CYS A 487 -7.63 16.68 36.10
C CYS A 487 -9.00 16.32 35.54
N ASP A 488 -9.71 17.36 35.08
CA ASP A 488 -11.00 17.18 34.42
C ASP A 488 -10.80 17.07 32.92
N ILE A 489 -11.45 16.08 32.31
CA ILE A 489 -11.53 15.96 30.86
C ILE A 489 -13.00 15.80 30.49
N ASP A 490 -13.33 16.18 29.26
CA ASP A 490 -14.73 16.19 28.80
C ASP A 490 -14.67 15.86 27.31
N VAL A 491 -14.83 14.58 26.99
CA VAL A 491 -14.57 14.11 25.63
C VAL A 491 -15.46 14.83 24.63
N PRO A 492 -16.79 14.81 24.78
CA PRO A 492 -17.63 15.50 23.79
C PRO A 492 -17.35 17.00 23.70
N LYS A 493 -17.02 17.64 24.83
CA LYS A 493 -16.69 19.05 24.78
C LYS A 493 -15.47 19.30 23.90
N THR A 494 -14.43 18.48 24.05
CA THR A 494 -13.24 18.63 23.24
C THR A 494 -13.53 18.37 21.77
N ILE A 495 -14.34 17.36 21.48
CA ILE A 495 -14.66 17.04 20.09
C ILE A 495 -15.40 18.21 19.43
N GLN A 496 -16.40 18.76 20.13
CA GLN A 496 -17.17 19.86 19.55
C GLN A 496 -16.26 21.04 19.22
N MET A 497 -15.28 21.29 20.09
CA MET A 497 -14.33 22.37 19.85
C MET A 497 -13.44 22.09 18.64
N VAL A 498 -13.02 20.83 18.46
CA VAL A 498 -12.25 20.49 17.27
C VAL A 498 -13.13 20.52 16.03
N ARG A 499 -14.39 20.09 16.15
CA ARG A 499 -15.32 20.13 15.03
C ARG A 499 -15.66 21.55 14.60
N SER A 500 -15.39 22.55 15.44
CA SER A 500 -15.60 23.93 15.06
C SER A 500 -14.47 24.47 14.20
N GLN A 501 -13.40 23.70 14.02
CA GLN A 501 -12.26 24.12 13.22
C GLN A 501 -12.06 23.27 11.97
N ARG A 502 -12.65 22.07 11.90
CA ARG A 502 -12.72 21.30 10.66
C ARG A 502 -14.00 20.48 10.70
N SER A 503 -14.68 20.39 9.56
CA SER A 503 -15.98 19.72 9.51
C SER A 503 -15.87 18.25 9.87
N GLY A 504 -16.72 17.80 10.78
CA GLY A 504 -16.90 16.38 11.02
C GLY A 504 -15.71 15.66 11.61
N MET A 505 -14.92 16.34 12.44
CA MET A 505 -13.79 15.68 13.04
C MET A 505 -14.32 14.62 14.02
N VAL A 506 -13.82 13.39 13.89
CA VAL A 506 -14.39 12.22 14.56
C VAL A 506 -15.71 11.88 13.87
N GLN A 507 -15.73 10.77 13.15
CA GLN A 507 -16.82 10.45 12.23
C GLN A 507 -17.90 9.55 12.81
N THR A 508 -17.54 8.62 13.70
CA THR A 508 -18.42 7.51 14.03
C THR A 508 -18.48 7.29 15.53
N GLU A 509 -19.53 6.58 15.94
CA GLU A 509 -19.64 6.17 17.34
C GLU A 509 -18.50 5.25 17.74
N ALA A 510 -18.04 4.40 16.82
CA ALA A 510 -16.93 3.52 17.12
C ALA A 510 -15.67 4.31 17.49
N GLN A 511 -15.43 5.41 16.77
CA GLN A 511 -14.29 6.26 17.08
C GLN A 511 -14.50 6.99 18.40
N TYR A 512 -15.71 7.50 18.64
CA TYR A 512 -16.03 8.11 19.92
C TYR A 512 -15.68 7.16 21.07
N ARG A 513 -16.12 5.91 20.98
CA ARG A 513 -15.81 4.93 22.02
C ARG A 513 -14.30 4.68 22.09
N PHE A 514 -13.64 4.58 20.94
CA PHE A 514 -12.21 4.30 20.91
C PHE A 514 -11.42 5.40 21.60
N ILE A 515 -11.90 6.65 21.53
CA ILE A 515 -11.24 7.74 22.24
C ILE A 515 -11.27 7.50 23.74
N TYR A 516 -12.46 7.19 24.28
CA TYR A 516 -12.54 6.82 25.69
C TYR A 516 -11.63 5.65 26.00
N MET A 517 -11.70 4.58 25.19
N MET A 517 -11.69 4.60 25.17
CA MET A 517 -10.86 3.41 25.45
CA MET A 517 -10.89 3.39 25.40
C MET A 517 -9.39 3.78 25.45
C MET A 517 -9.40 3.67 25.30
N ALA A 518 -8.99 4.71 24.57
CA ALA A 518 -7.59 5.06 24.46
C ALA A 518 -7.11 5.90 25.64
N VAL A 519 -7.96 6.80 26.15
CA VAL A 519 -7.61 7.53 27.36
C VAL A 519 -7.54 6.59 28.55
N GLN A 520 -8.43 5.61 28.61
CA GLN A 520 -8.41 4.62 29.69
C GLN A 520 -7.11 3.81 29.64
N HIS A 521 -6.79 3.27 28.47
CA HIS A 521 -5.56 2.49 28.32
C HIS A 521 -4.33 3.31 28.70
N TYR A 522 -4.31 4.59 28.33
CA TYR A 522 -3.17 5.43 28.67
C TYR A 522 -3.02 5.56 30.18
N ILE A 523 -4.13 5.77 30.89
CA ILE A 523 -4.06 5.99 32.33
C ILE A 523 -3.62 4.71 33.04
N GLU A 524 -4.09 3.55 32.56
CA GLU A 524 -3.78 2.28 33.22
C GLU A 524 -2.31 1.92 33.09
N THR A 525 -1.63 2.41 32.06
CA THR A 525 -0.21 2.12 31.87
C THR A 525 0.70 3.15 32.52
N LEU A 526 0.14 4.16 33.19
CA LEU A 526 0.94 5.19 33.84
C LEU A 526 1.69 4.63 35.05
N MET B 2 28.11 -21.84 -27.30
CA MET B 2 29.35 -21.11 -27.02
C MET B 2 29.56 -20.97 -25.51
N THR B 3 29.53 -22.10 -24.81
CA THR B 3 29.55 -22.09 -23.35
C THR B 3 30.88 -21.56 -22.81
N SER B 4 31.11 -20.26 -23.01
CA SER B 4 32.20 -19.56 -22.34
C SER B 4 31.76 -18.12 -22.13
N ARG B 5 31.76 -17.68 -20.87
CA ARG B 5 31.44 -16.30 -20.53
C ARG B 5 32.60 -15.66 -19.78
N ARG B 6 33.82 -16.14 -20.05
CA ARG B 6 35.00 -15.63 -19.36
C ARG B 6 35.36 -14.21 -19.77
N TRP B 7 34.75 -13.66 -20.82
CA TRP B 7 35.01 -12.27 -21.21
C TRP B 7 34.35 -11.26 -20.28
N PHE B 8 33.57 -11.70 -19.30
CA PHE B 8 32.97 -10.79 -18.34
C PHE B 8 33.85 -10.71 -17.10
N HIS B 9 34.22 -9.49 -16.72
CA HIS B 9 35.10 -9.25 -15.58
C HIS B 9 34.30 -8.53 -14.48
N PRO B 10 33.91 -9.23 -13.40
CA PRO B 10 32.95 -8.64 -12.45
C PRO B 10 33.54 -7.57 -11.54
N ASN B 11 34.86 -7.49 -11.37
CA ASN B 11 35.45 -6.66 -10.32
C ASN B 11 36.40 -5.58 -10.79
N ILE B 12 36.64 -5.44 -12.09
CA ILE B 12 37.64 -4.50 -12.57
C ILE B 12 37.00 -3.14 -12.80
N THR B 13 37.84 -2.10 -12.74
CA THR B 13 37.43 -0.75 -13.08
C THR B 13 37.69 -0.47 -14.55
N GLY B 14 37.10 0.61 -15.05
CA GLY B 14 37.34 1.00 -16.43
C GLY B 14 38.83 1.12 -16.74
N VAL B 15 39.58 1.79 -15.86
CA VAL B 15 41.01 1.99 -16.12
C VAL B 15 41.73 0.65 -16.18
N GLU B 16 41.48 -0.22 -15.19
CA GLU B 16 42.08 -1.55 -15.22
C GLU B 16 41.71 -2.29 -16.50
N ALA B 17 40.48 -2.12 -16.97
CA ALA B 17 40.08 -2.74 -18.24
C ALA B 17 40.96 -2.27 -19.38
N GLU B 18 41.22 -0.96 -19.47
CA GLU B 18 42.07 -0.43 -20.53
C GLU B 18 43.47 -1.03 -20.46
N ASN B 19 44.03 -1.12 -19.26
CA ASN B 19 45.40 -1.64 -19.12
C ASN B 19 45.46 -3.13 -19.42
N LEU B 20 44.43 -3.87 -19.03
CA LEU B 20 44.36 -5.29 -19.38
C LEU B 20 44.38 -5.47 -20.89
N LEU B 21 43.52 -4.74 -21.60
CA LEU B 21 43.44 -4.88 -23.04
C LEU B 21 44.72 -4.42 -23.73
N LEU B 22 45.40 -3.42 -23.17
CA LEU B 22 46.59 -2.87 -23.82
C LEU B 22 47.84 -3.69 -23.57
N THR B 23 47.88 -4.47 -22.49
CA THR B 23 49.07 -5.25 -22.15
C THR B 23 48.92 -6.73 -22.46
N ARG B 24 47.72 -7.29 -22.26
CA ARG B 24 47.49 -8.72 -22.43
C ARG B 24 46.59 -9.03 -23.62
N GLY B 25 46.11 -8.02 -24.34
CA GLY B 25 45.26 -8.23 -25.49
C GLY B 25 45.91 -7.70 -26.76
N VAL B 26 45.14 -7.81 -27.86
CA VAL B 26 45.55 -7.34 -29.16
C VAL B 26 44.35 -6.66 -29.82
N ASP B 27 44.61 -6.05 -30.98
CA ASP B 27 43.53 -5.47 -31.75
C ASP B 27 42.46 -6.52 -32.01
N GLY B 28 41.23 -6.21 -31.60
CA GLY B 28 40.12 -7.14 -31.68
C GLY B 28 39.72 -7.77 -30.36
N SER B 29 40.59 -7.71 -29.35
CA SER B 29 40.25 -8.19 -28.02
C SER B 29 39.15 -7.33 -27.40
N PHE B 30 38.35 -7.94 -26.54
CA PHE B 30 37.25 -7.23 -25.90
C PHE B 30 36.93 -7.90 -24.57
N LEU B 31 36.16 -7.18 -23.75
CA LEU B 31 35.65 -7.72 -22.49
C LEU B 31 34.44 -6.89 -22.09
N ALA B 32 33.64 -7.43 -21.16
CA ALA B 32 32.50 -6.72 -20.61
C ALA B 32 32.64 -6.63 -19.10
N ARG B 33 32.01 -5.62 -18.52
CA ARG B 33 32.19 -5.32 -17.10
C ARG B 33 31.00 -4.51 -16.61
N PRO B 34 30.66 -4.59 -15.33
CA PRO B 34 29.66 -3.68 -14.78
C PRO B 34 30.20 -2.25 -14.72
N SER B 35 29.32 -1.30 -14.96
CA SER B 35 29.72 0.10 -14.94
C SER B 35 29.95 0.55 -13.50
N LYS B 36 31.02 1.31 -13.29
CA LYS B 36 31.30 1.89 -11.99
C LYS B 36 30.65 3.25 -11.80
N SER B 37 30.55 4.04 -12.87
CA SER B 37 29.89 5.34 -12.76
C SER B 37 28.37 5.21 -12.72
N ASN B 38 27.82 4.15 -13.30
CA ASN B 38 26.38 3.94 -13.38
C ASN B 38 26.04 2.54 -12.88
N PRO B 39 25.94 2.36 -11.56
CA PRO B 39 25.57 1.04 -11.04
C PRO B 39 24.29 0.54 -11.67
N GLY B 40 24.32 -0.73 -12.10
CA GLY B 40 23.24 -1.32 -12.86
C GLY B 40 23.48 -1.35 -14.35
N ASP B 41 24.36 -0.50 -14.87
CA ASP B 41 24.75 -0.53 -16.27
C ASP B 41 25.96 -1.44 -16.47
N PHE B 42 26.34 -1.62 -17.72
CA PHE B 42 27.50 -2.44 -18.09
C PHE B 42 28.28 -1.71 -19.16
N THR B 43 29.48 -2.23 -19.45
CA THR B 43 30.38 -1.58 -20.40
C THR B 43 31.10 -2.63 -21.23
N LEU B 44 30.99 -2.51 -22.55
CA LEU B 44 31.76 -3.33 -23.48
C LEU B 44 33.02 -2.57 -23.87
N SER B 45 34.18 -3.05 -23.40
CA SER B 45 35.46 -2.43 -23.69
C SER B 45 36.16 -3.21 -24.80
N VAL B 46 36.51 -2.51 -25.87
CA VAL B 46 37.07 -3.13 -27.07
C VAL B 46 38.35 -2.41 -27.46
N ARG B 47 39.37 -3.18 -27.84
CA ARG B 47 40.63 -2.62 -28.30
C ARG B 47 40.64 -2.59 -29.83
N ARG B 48 41.05 -1.45 -30.39
CA ARG B 48 40.98 -1.22 -31.82
C ARG B 48 42.05 -0.21 -32.20
N ASN B 49 42.78 -0.48 -33.27
CA ASN B 49 43.94 0.31 -33.69
C ASN B 49 44.73 0.81 -32.49
N GLY B 50 45.14 -0.12 -31.63
CA GLY B 50 45.97 0.18 -30.48
C GLY B 50 45.29 0.92 -29.36
N ALA B 51 44.02 1.28 -29.49
CA ALA B 51 43.29 2.04 -28.48
C ALA B 51 42.10 1.24 -27.96
N VAL B 52 41.55 1.70 -26.84
CA VAL B 52 40.45 1.01 -26.16
C VAL B 52 39.23 1.91 -26.18
N THR B 53 38.11 1.36 -26.68
CA THR B 53 36.84 2.05 -26.69
C THR B 53 35.92 1.42 -25.65
N HIS B 54 35.17 2.27 -24.95
CA HIS B 54 34.19 1.83 -23.95
C HIS B 54 32.80 2.16 -24.47
N ILE B 55 31.99 1.12 -24.67
CA ILE B 55 30.63 1.27 -25.19
C ILE B 55 29.67 0.94 -24.06
N LYS B 56 28.73 1.84 -23.79
CA LYS B 56 27.85 1.71 -22.64
C LYS B 56 26.69 0.78 -22.97
N ILE B 57 26.22 0.08 -21.93
CA ILE B 57 25.09 -0.83 -22.04
C ILE B 57 24.14 -0.56 -20.88
N GLN B 58 22.93 -0.12 -21.19
CA GLN B 58 21.93 0.20 -20.18
C GLN B 58 20.95 -0.96 -20.02
N ASN B 59 20.46 -1.13 -18.79
CA ASN B 59 19.37 -2.08 -18.55
C ASN B 59 18.56 -1.59 -17.37
N THR B 60 17.36 -1.07 -17.65
CA THR B 60 16.45 -0.63 -16.60
C THR B 60 15.46 -1.72 -16.19
N GLY B 61 15.55 -2.91 -16.78
CA GLY B 61 14.68 -4.00 -16.43
C GLY B 61 14.02 -4.67 -17.61
N ASP B 62 14.15 -4.09 -18.80
CA ASP B 62 13.48 -4.59 -20.01
C ASP B 62 14.41 -5.33 -20.97
N TYR B 63 15.68 -4.93 -21.06
CA TYR B 63 16.59 -5.53 -22.02
C TYR B 63 17.94 -4.85 -21.88
N TYR B 64 18.97 -5.46 -22.44
CA TYR B 64 20.30 -4.85 -22.50
C TYR B 64 20.35 -3.98 -23.76
N ASP B 65 20.52 -2.68 -23.55
CA ASP B 65 20.48 -1.67 -24.61
C ASP B 65 21.90 -1.21 -24.91
N LEU B 66 22.46 -1.70 -26.02
CA LEU B 66 23.84 -1.42 -26.38
C LEU B 66 23.91 -0.08 -27.12
N TYR B 67 24.64 0.87 -26.54
CA TYR B 67 24.74 2.20 -27.13
C TYR B 67 25.32 2.12 -28.53
N GLY B 68 24.65 2.74 -29.49
CA GLY B 68 25.03 2.64 -30.87
C GLY B 68 24.78 1.30 -31.52
N GLY B 69 24.14 0.36 -30.81
CA GLY B 69 23.86 -0.96 -31.31
C GLY B 69 22.40 -1.33 -31.12
N GLU B 70 22.17 -2.61 -30.84
CA GLU B 70 20.81 -3.15 -30.75
C GLU B 70 20.52 -3.58 -29.31
N LYS B 71 19.30 -4.08 -29.12
CA LYS B 71 18.83 -4.53 -27.81
C LYS B 71 18.87 -6.04 -27.73
N PHE B 72 19.27 -6.56 -26.57
CA PHE B 72 19.51 -7.99 -26.42
C PHE B 72 18.93 -8.51 -25.12
N ALA B 73 18.64 -9.81 -25.11
CA ALA B 73 18.05 -10.47 -23.94
C ALA B 73 19.09 -10.83 -22.88
N THR B 74 20.34 -11.09 -23.28
CA THR B 74 21.42 -11.33 -22.35
C THR B 74 22.73 -10.86 -22.96
N LEU B 75 23.72 -10.61 -22.10
CA LEU B 75 25.04 -10.22 -22.61
C LEU B 75 25.67 -11.33 -23.43
N ALA B 76 25.41 -12.60 -23.08
CA ALA B 76 25.94 -13.71 -23.84
C ALA B 76 25.34 -13.76 -25.25
N GLU B 77 24.03 -13.50 -25.37
CA GLU B 77 23.44 -13.40 -26.70
C GLU B 77 23.97 -12.18 -27.45
N LEU B 78 24.35 -11.14 -26.71
CA LEU B 78 24.90 -9.93 -27.34
C LEU B 78 26.27 -10.22 -27.95
N VAL B 79 27.18 -10.80 -27.17
CA VAL B 79 28.51 -11.08 -27.69
C VAL B 79 28.45 -12.09 -28.82
N GLN B 80 27.63 -13.14 -28.66
CA GLN B 80 27.52 -14.14 -29.72
C GLN B 80 27.03 -13.53 -31.02
N TYR B 81 26.03 -12.65 -30.94
CA TYR B 81 25.51 -12.03 -32.15
C TYR B 81 26.60 -11.27 -32.90
N TYR B 82 27.44 -10.51 -32.17
CA TYR B 82 28.45 -9.72 -32.84
C TYR B 82 29.71 -10.53 -33.15
N MET B 83 30.05 -11.53 -32.33
CA MET B 83 31.19 -12.37 -32.66
C MET B 83 30.92 -13.23 -33.89
N GLU B 84 29.73 -13.83 -33.96
CA GLU B 84 29.36 -14.67 -35.09
C GLU B 84 28.88 -13.87 -36.28
N HIS B 85 29.18 -12.57 -36.32
CA HIS B 85 28.91 -11.72 -37.47
C HIS B 85 27.46 -11.78 -37.91
N HIS B 86 26.57 -12.27 -37.05
CA HIS B 86 25.14 -12.15 -37.33
C HIS B 86 24.74 -10.70 -37.49
N GLY B 87 25.53 -9.77 -36.94
CA GLY B 87 25.30 -8.35 -37.10
C GLY B 87 26.63 -7.63 -37.18
N GLN B 88 26.54 -6.31 -37.37
CA GLN B 88 27.72 -5.47 -37.54
C GLN B 88 27.67 -4.34 -36.52
N LEU B 89 28.56 -4.41 -35.52
CA LEU B 89 28.67 -3.36 -34.53
C LEU B 89 29.43 -2.17 -35.12
N LYS B 90 28.91 -0.96 -34.90
CA LYS B 90 29.56 0.26 -35.38
C LYS B 90 29.53 1.32 -34.30
N GLU B 91 30.62 2.08 -34.22
CA GLU B 91 30.61 3.29 -33.41
C GLU B 91 29.55 4.25 -33.93
N LYS B 92 29.16 5.21 -33.08
CA LYS B 92 28.17 6.18 -33.55
C LYS B 92 28.71 7.08 -34.64
N ASN B 93 30.01 7.04 -34.93
CA ASN B 93 30.59 7.74 -36.07
C ASN B 93 30.44 6.94 -37.37
N GLY B 94 30.09 5.66 -37.29
CA GLY B 94 29.92 4.82 -38.46
C GLY B 94 31.00 3.76 -38.61
N ASP B 95 32.12 3.90 -37.92
CA ASP B 95 33.21 2.94 -38.06
C ASP B 95 32.83 1.59 -37.48
N VAL B 96 33.14 0.53 -38.22
CA VAL B 96 32.90 -0.83 -37.76
C VAL B 96 33.96 -1.23 -36.74
N ILE B 97 33.52 -1.84 -35.65
CA ILE B 97 34.41 -2.35 -34.62
C ILE B 97 34.16 -3.85 -34.47
N GLU B 98 35.23 -4.62 -34.28
CA GLU B 98 35.18 -6.06 -34.36
C GLU B 98 35.40 -6.68 -32.99
N LEU B 99 34.55 -7.64 -32.63
CA LEU B 99 34.73 -8.46 -31.42
C LEU B 99 35.34 -9.79 -31.87
N LYS B 100 36.67 -9.89 -31.77
CA LYS B 100 37.40 -11.06 -32.25
C LYS B 100 37.84 -12.00 -31.14
N TYR B 101 38.52 -11.48 -30.13
CA TYR B 101 39.17 -12.31 -29.11
C TYR B 101 38.63 -11.98 -27.74
N PRO B 102 37.84 -12.84 -27.11
CA PRO B 102 37.47 -12.60 -25.70
C PRO B 102 38.72 -12.60 -24.82
N LEU B 103 38.88 -11.54 -24.03
CA LEU B 103 39.98 -11.44 -23.08
C LEU B 103 39.50 -12.05 -21.76
N ASN B 104 40.01 -13.22 -21.42
CA ASN B 104 39.42 -14.05 -20.39
C ASN B 104 39.74 -13.52 -18.99
N CYS B 105 38.80 -13.74 -18.08
CA CYS B 105 38.90 -13.26 -16.70
C CYS B 105 39.38 -14.40 -15.80
N ALA B 106 40.34 -14.10 -14.94
CA ALA B 106 40.87 -15.07 -14.00
C ALA B 106 40.22 -14.99 -12.62
N ASP B 107 39.22 -14.12 -12.45
CA ASP B 107 38.60 -13.93 -11.15
C ASP B 107 37.59 -15.04 -10.89
N PRO B 108 37.67 -15.74 -9.76
CA PRO B 108 36.75 -16.84 -9.46
C PRO B 108 35.45 -16.43 -8.80
N THR B 109 35.21 -15.12 -8.59
CA THR B 109 34.11 -14.69 -7.73
C THR B 109 32.77 -15.23 -8.19
N SER B 110 32.55 -15.34 -9.49
CA SER B 110 31.25 -15.77 -10.00
C SER B 110 31.15 -17.28 -10.25
N GLU B 111 32.19 -18.04 -9.95
CA GLU B 111 32.11 -19.49 -10.12
C GLU B 111 31.20 -20.08 -9.05
N ARG B 112 30.35 -21.02 -9.48
CA ARG B 112 29.40 -21.64 -8.56
C ARG B 112 30.09 -22.23 -7.33
N TRP B 113 31.33 -22.68 -7.49
CA TRP B 113 32.01 -23.43 -6.43
C TRP B 113 32.94 -22.56 -5.58
N PHE B 114 32.98 -21.25 -5.80
CA PHE B 114 33.91 -20.38 -5.08
C PHE B 114 33.17 -19.57 -4.01
N HIS B 115 33.66 -19.68 -2.77
CA HIS B 115 33.01 -19.05 -1.63
C HIS B 115 33.89 -18.03 -0.92
N GLY B 116 34.95 -17.55 -1.58
CA GLY B 116 35.75 -16.47 -1.03
C GLY B 116 36.18 -16.74 0.39
N HIS B 117 35.94 -15.77 1.27
CA HIS B 117 36.33 -15.88 2.68
C HIS B 117 35.29 -16.72 3.41
N LEU B 118 35.64 -17.98 3.66
CA LEU B 118 34.76 -18.89 4.38
C LEU B 118 35.66 -19.83 5.17
N SER B 119 35.53 -19.83 6.49
CA SER B 119 36.39 -20.64 7.33
C SER B 119 36.14 -22.12 7.09
N GLY B 120 37.13 -22.93 7.46
CA GLY B 120 37.00 -24.38 7.31
C GLY B 120 35.89 -24.97 8.15
N LYS B 121 35.55 -24.30 9.26
CA LYS B 121 34.46 -24.79 10.10
C LYS B 121 33.12 -24.66 9.38
N GLU B 122 32.83 -23.47 8.84
CA GLU B 122 31.61 -23.29 8.07
C GLU B 122 31.55 -24.25 6.88
N ALA B 123 32.71 -24.53 6.27
CA ALA B 123 32.74 -25.36 5.07
C ALA B 123 32.36 -26.81 5.39
N GLU B 124 32.93 -27.37 6.45
CA GLU B 124 32.63 -28.76 6.78
C GLU B 124 31.17 -28.94 7.22
N LYS B 125 30.59 -27.93 7.88
CA LYS B 125 29.18 -27.99 8.22
C LYS B 125 28.32 -28.06 6.96
N LEU B 126 28.55 -27.12 6.02
CA LEU B 126 27.79 -27.09 4.79
C LEU B 126 27.89 -28.42 4.04
N LEU B 127 29.12 -28.93 3.88
CA LEU B 127 29.30 -30.21 3.21
C LEU B 127 28.62 -31.34 3.97
N THR B 128 28.55 -31.23 5.30
CA THR B 128 27.90 -32.27 6.10
C THR B 128 26.39 -32.22 5.92
N GLU B 129 25.80 -31.03 6.00
CA GLU B 129 24.34 -30.92 5.99
C GLU B 129 23.79 -30.89 4.57
N LYS B 130 24.40 -30.12 3.68
CA LYS B 130 23.87 -29.92 2.33
C LYS B 130 24.54 -30.79 1.27
N GLY B 131 25.71 -31.35 1.55
CA GLY B 131 26.49 -32.00 0.53
C GLY B 131 26.11 -33.45 0.29
N LYS B 132 26.38 -33.90 -0.93
CA LYS B 132 26.25 -35.32 -1.28
C LYS B 132 27.52 -35.77 -1.97
N HIS B 133 27.53 -36.99 -2.52
CA HIS B 133 28.72 -37.48 -3.20
C HIS B 133 29.03 -36.60 -4.40
N GLY B 134 30.26 -36.08 -4.43
CA GLY B 134 30.70 -35.21 -5.50
C GLY B 134 30.55 -33.73 -5.23
N SER B 135 29.87 -33.35 -4.15
CA SER B 135 29.76 -31.94 -3.80
C SER B 135 31.13 -31.40 -3.41
N PHE B 136 31.48 -30.23 -3.94
CA PHE B 136 32.78 -29.64 -3.67
C PHE B 136 32.66 -28.13 -3.58
N LEU B 137 33.73 -27.50 -3.10
CA LEU B 137 33.77 -26.06 -2.98
C LEU B 137 35.21 -25.63 -2.80
N VAL B 138 35.47 -24.36 -3.11
CA VAL B 138 36.80 -23.76 -2.98
C VAL B 138 36.65 -22.50 -2.13
N ARG B 139 37.57 -22.32 -1.18
CA ARG B 139 37.55 -21.17 -0.29
C ARG B 139 38.96 -20.65 -0.11
N GLU B 140 39.06 -19.41 0.37
CA GLU B 140 40.36 -18.86 0.71
C GLU B 140 40.88 -19.51 1.99
N SER B 141 42.20 -19.62 2.08
CA SER B 141 42.85 -20.18 3.25
C SER B 141 43.16 -19.07 4.24
N GLN B 142 42.72 -19.26 5.49
CA GLN B 142 43.09 -18.31 6.54
C GLN B 142 44.46 -18.62 7.12
N SER B 143 44.84 -19.90 7.17
CA SER B 143 46.17 -20.26 7.66
C SER B 143 47.27 -19.76 6.72
N HIS B 144 47.12 -20.04 5.43
CA HIS B 144 48.12 -19.67 4.42
C HIS B 144 47.56 -18.57 3.53
N PRO B 145 47.72 -17.30 3.88
CA PRO B 145 47.15 -16.22 3.07
C PRO B 145 47.57 -16.33 1.62
N GLY B 146 46.63 -16.05 0.71
CA GLY B 146 46.85 -16.17 -0.71
C GLY B 146 46.60 -17.55 -1.27
N ASP B 147 46.60 -18.59 -0.42
CA ASP B 147 46.33 -19.94 -0.87
C ASP B 147 44.83 -20.22 -0.77
N PHE B 148 44.43 -21.42 -1.18
CA PHE B 148 43.04 -21.81 -1.18
C PHE B 148 42.92 -23.25 -0.70
N VAL B 149 41.69 -23.67 -0.46
CA VAL B 149 41.39 -25.03 -0.02
C VAL B 149 40.25 -25.57 -0.87
N LEU B 150 40.43 -26.75 -1.45
CA LEU B 150 39.37 -27.47 -2.14
C LEU B 150 38.88 -28.60 -1.24
N SER B 151 37.57 -28.64 -0.99
CA SER B 151 36.95 -29.66 -0.15
C SER B 151 35.92 -30.44 -0.95
N VAL B 152 35.98 -31.77 -0.85
CA VAL B 152 35.14 -32.65 -1.64
C VAL B 152 34.53 -33.70 -0.73
N ARG B 153 33.24 -33.95 -0.92
N ARG B 153 33.23 -33.97 -0.93
CA ARG B 153 32.52 -34.99 -0.20
CA ARG B 153 32.52 -35.00 -0.18
C ARG B 153 32.39 -36.21 -1.09
C ARG B 153 32.31 -36.22 -1.05
N THR B 154 32.73 -37.38 -0.56
CA THR B 154 32.57 -38.65 -1.24
C THR B 154 31.92 -39.63 -0.29
N GLY B 155 31.01 -40.46 -0.81
CA GLY B 155 30.36 -41.45 0.03
C GLY B 155 29.03 -41.87 -0.55
N ASP B 156 28.21 -42.47 0.33
CA ASP B 156 26.94 -43.04 -0.11
C ASP B 156 26.01 -41.98 -0.66
N ASP B 157 25.92 -40.83 0.02
CA ASP B 157 25.13 -39.66 -0.39
C ASP B 157 24.44 -39.03 0.82
N LYS B 158 23.52 -38.10 0.57
CA LYS B 158 22.78 -37.42 1.63
C LYS B 158 23.64 -36.37 2.33
N SER B 161 25.95 -38.00 8.66
CA SER B 161 24.95 -39.05 8.71
C SER B 161 25.29 -40.09 9.76
N ASN B 162 26.37 -39.86 10.50
CA ASN B 162 26.87 -40.76 11.54
C ASN B 162 27.24 -42.13 10.99
N ASP B 163 27.21 -42.30 9.67
CA ASP B 163 27.44 -43.62 9.07
C ASP B 163 28.93 -43.92 8.97
N GLY B 164 29.71 -42.97 8.45
CA GLY B 164 31.08 -43.23 8.07
C GLY B 164 31.25 -43.60 6.61
N LYS B 165 30.17 -43.99 5.93
CA LYS B 165 30.23 -44.29 4.51
C LYS B 165 30.52 -43.06 3.66
N SER B 166 30.44 -41.87 4.24
CA SER B 166 30.76 -40.62 3.55
C SER B 166 31.88 -39.91 4.29
N LYS B 167 32.63 -39.09 3.56
CA LYS B 167 33.76 -38.37 4.14
C LYS B 167 33.98 -37.07 3.38
N VAL B 168 34.76 -36.19 3.99
CA VAL B 168 35.14 -34.91 3.41
C VAL B 168 36.66 -34.86 3.33
N THR B 169 37.19 -34.68 2.14
CA THR B 169 38.62 -34.59 1.90
C THR B 169 38.97 -33.17 1.47
N HIS B 170 40.00 -32.60 2.11
CA HIS B 170 40.48 -31.27 1.79
C HIS B 170 41.77 -31.37 0.97
N VAL B 171 41.94 -30.41 0.05
CA VAL B 171 43.11 -30.35 -0.80
C VAL B 171 43.66 -28.93 -0.74
N MET B 172 44.92 -28.80 -0.33
CA MET B 172 45.57 -27.50 -0.30
C MET B 172 45.88 -27.04 -1.73
N ILE B 173 45.52 -25.80 -2.04
CA ILE B 173 45.84 -25.19 -3.32
C ILE B 173 46.83 -24.07 -3.05
N ARG B 174 48.07 -24.26 -3.50
CA ARG B 174 49.11 -23.25 -3.33
C ARG B 174 49.05 -22.25 -4.47
N CYS B 175 49.32 -20.99 -4.13
CA CYS B 175 49.50 -19.92 -5.11
C CYS B 175 50.94 -19.44 -5.00
N GLN B 176 51.74 -19.71 -6.03
CA GLN B 176 53.14 -19.31 -6.07
C GLN B 176 53.44 -18.66 -7.41
N GLU B 177 53.98 -17.44 -7.36
CA GLU B 177 54.35 -16.71 -8.57
C GLU B 177 53.19 -16.66 -9.56
N LEU B 178 52.02 -16.33 -9.05
CA LEU B 178 50.81 -16.09 -9.84
C LEU B 178 50.24 -17.36 -10.47
N LYS B 179 50.67 -18.54 -10.02
CA LYS B 179 50.15 -19.80 -10.53
C LYS B 179 49.65 -20.66 -9.38
N TYR B 180 48.74 -21.58 -9.69
CA TYR B 180 48.07 -22.39 -8.68
C TYR B 180 48.34 -23.87 -8.93
N ASP B 181 48.48 -24.63 -7.84
CA ASP B 181 48.72 -26.06 -7.94
C ASP B 181 48.27 -26.73 -6.65
N VAL B 182 48.12 -28.05 -6.72
CA VAL B 182 47.67 -28.85 -5.58
C VAL B 182 48.85 -29.58 -4.96
N GLY B 183 50.04 -28.96 -5.00
CA GLY B 183 51.23 -29.54 -4.43
C GLY B 183 52.06 -30.38 -5.37
N GLY B 184 51.58 -30.65 -6.58
CA GLY B 184 52.37 -31.36 -7.57
C GLY B 184 51.68 -31.32 -8.91
N GLY B 185 52.44 -31.69 -9.94
CA GLY B 185 51.89 -31.78 -11.28
C GLY B 185 51.84 -30.45 -12.01
N GLU B 186 50.72 -30.18 -12.68
CA GLU B 186 50.58 -28.98 -13.48
C GLU B 186 50.35 -27.75 -12.61
N ARG B 187 50.71 -26.58 -13.16
CA ARG B 187 50.50 -25.29 -12.53
C ARG B 187 49.63 -24.44 -13.44
N PHE B 188 48.63 -23.77 -12.87
CA PHE B 188 47.59 -23.11 -13.64
C PHE B 188 47.59 -21.61 -13.39
N ASP B 189 47.10 -20.86 -14.39
CA ASP B 189 47.02 -19.40 -14.31
C ASP B 189 45.79 -18.91 -13.55
N SER B 190 44.86 -19.79 -13.21
CA SER B 190 43.66 -19.37 -12.49
C SER B 190 43.08 -20.56 -11.76
N LEU B 191 42.31 -20.26 -10.71
CA LEU B 191 41.58 -21.32 -10.01
C LEU B 191 40.61 -22.03 -10.95
N THR B 192 39.98 -21.27 -11.85
CA THR B 192 39.06 -21.87 -12.81
C THR B 192 39.76 -22.97 -13.61
N ASP B 193 40.95 -22.67 -14.16
CA ASP B 193 41.66 -23.66 -14.97
C ASP B 193 42.02 -24.88 -14.14
N LEU B 194 42.46 -24.67 -12.90
CA LEU B 194 42.76 -25.79 -12.01
C LEU B 194 41.52 -26.66 -11.77
N VAL B 195 40.39 -26.02 -11.46
CA VAL B 195 39.18 -26.78 -11.18
C VAL B 195 38.73 -27.56 -12.41
N GLU B 196 38.82 -26.94 -13.59
CA GLU B 196 38.38 -27.65 -14.80
C GLU B 196 39.29 -28.84 -15.08
N HIS B 197 40.60 -28.69 -14.87
CA HIS B 197 41.53 -29.78 -15.09
C HIS B 197 41.16 -31.00 -14.24
N TYR B 198 40.86 -30.78 -12.97
CA TYR B 198 40.63 -31.89 -12.05
C TYR B 198 39.19 -32.39 -12.07
N LYS B 199 38.31 -31.73 -12.82
CA LYS B 199 37.03 -32.35 -13.16
C LYS B 199 37.23 -33.41 -14.24
N LYS B 200 38.00 -33.09 -15.28
CA LYS B 200 38.27 -34.04 -16.34
C LYS B 200 39.22 -35.14 -15.89
N ASN B 201 40.22 -34.80 -15.08
CA ASN B 201 41.23 -35.73 -14.60
C ASN B 201 41.20 -35.74 -13.08
N PRO B 202 40.27 -36.48 -12.48
CA PRO B 202 40.07 -36.38 -11.03
C PRO B 202 41.31 -36.85 -10.26
N MET B 203 41.61 -36.15 -9.17
CA MET B 203 42.64 -36.62 -8.26
C MET B 203 42.23 -37.95 -7.67
N VAL B 204 43.18 -38.89 -7.59
CA VAL B 204 42.94 -40.21 -7.04
C VAL B 204 43.90 -40.42 -5.86
N GLU B 205 43.33 -40.77 -4.72
CA GLU B 205 44.15 -41.09 -3.56
C GLU B 205 44.81 -42.46 -3.75
N THR B 206 45.96 -42.65 -3.12
CA THR B 206 46.74 -43.86 -3.33
C THR B 206 45.92 -45.11 -3.04
N LEU B 207 45.08 -45.07 -2.01
CA LEU B 207 44.26 -46.22 -1.65
C LEU B 207 43.01 -46.36 -2.52
N GLY B 208 42.78 -45.46 -3.47
CA GLY B 208 41.79 -45.66 -4.51
C GLY B 208 40.68 -44.62 -4.57
N THR B 209 40.51 -43.82 -3.53
CA THR B 209 39.40 -42.87 -3.52
C THR B 209 39.57 -41.84 -4.63
N VAL B 210 38.59 -41.78 -5.54
CA VAL B 210 38.58 -40.79 -6.61
C VAL B 210 37.88 -39.54 -6.11
N LEU B 211 38.58 -38.41 -6.15
CA LEU B 211 38.03 -37.15 -5.65
C LEU B 211 37.26 -36.48 -6.78
N GLN B 212 36.07 -37.03 -7.05
CA GLN B 212 35.24 -36.56 -8.15
C GLN B 212 34.58 -35.23 -7.80
N LEU B 213 34.78 -34.23 -8.65
CA LEU B 213 34.11 -32.93 -8.51
C LEU B 213 32.88 -32.97 -9.40
N LYS B 214 31.78 -33.49 -8.86
CA LYS B 214 30.58 -33.77 -9.64
C LYS B 214 29.65 -32.56 -9.75
N GLN B 215 29.32 -31.92 -8.62
CA GLN B 215 28.51 -30.72 -8.68
C GLN B 215 28.87 -29.81 -7.52
N PRO B 216 28.86 -28.49 -7.72
CA PRO B 216 29.17 -27.57 -6.63
C PRO B 216 28.17 -27.71 -5.48
N LEU B 217 28.66 -27.53 -4.26
CA LEU B 217 27.79 -27.59 -3.09
C LEU B 217 26.74 -26.50 -3.17
N ASN B 218 25.47 -26.89 -3.04
CA ASN B 218 24.38 -25.93 -3.10
C ASN B 218 24.32 -25.13 -1.80
N THR B 219 24.46 -23.80 -1.93
CA THR B 219 24.33 -22.89 -0.79
C THR B 219 23.26 -21.83 -1.04
N THR B 220 22.41 -22.01 -2.05
CA THR B 220 21.33 -21.08 -2.34
C THR B 220 19.95 -21.59 -1.96
N ARG B 221 19.77 -22.91 -1.88
CA ARG B 221 18.48 -23.46 -1.47
C ARG B 221 18.26 -23.18 0.01
N ILE B 222 17.14 -22.53 0.33
CA ILE B 222 16.80 -22.18 1.70
C ILE B 222 15.43 -22.73 2.04
N ASN B 223 15.15 -22.81 3.34
N ASN B 223 15.16 -22.81 3.34
CA ASN B 223 13.80 -23.14 3.78
CA ASN B 223 13.82 -23.11 3.82
C ASN B 223 12.96 -21.86 3.78
C ASN B 223 12.98 -21.83 3.74
N ALA B 224 11.76 -21.96 3.21
CA ALA B 224 10.93 -20.77 3.01
C ALA B 224 10.76 -19.97 4.29
N ALA B 225 10.59 -20.65 5.42
CA ALA B 225 10.34 -19.96 6.67
C ALA B 225 11.51 -19.07 7.10
N GLU B 226 12.72 -19.37 6.67
CA GLU B 226 13.89 -18.58 7.04
C GLU B 226 14.25 -17.54 6.00
N ILE B 227 13.28 -17.17 5.14
CA ILE B 227 13.56 -16.21 4.07
C ILE B 227 14.02 -14.88 4.64
N GLU B 228 13.35 -14.40 5.69
CA GLU B 228 13.70 -13.09 6.24
C GLU B 228 15.15 -13.06 6.71
N SER B 229 15.60 -14.12 7.39
CA SER B 229 16.98 -14.16 7.86
C SER B 229 17.96 -14.26 6.70
N ARG B 230 17.61 -15.00 5.65
CA ARG B 230 18.48 -15.09 4.49
C ARG B 230 18.57 -13.75 3.77
N VAL B 231 17.45 -13.03 3.68
CA VAL B 231 17.45 -11.72 3.04
C VAL B 231 18.32 -10.76 3.84
N ARG B 232 18.20 -10.78 5.17
CA ARG B 232 19.08 -9.97 6.00
C ARG B 232 20.54 -10.33 5.77
N GLU B 233 20.83 -11.63 5.65
CA GLU B 233 22.20 -12.07 5.39
C GLU B 233 22.68 -11.59 4.02
N LEU B 234 21.87 -11.79 2.99
CA LEU B 234 22.25 -11.40 1.64
C LEU B 234 22.37 -9.89 1.47
N SER B 235 21.75 -9.11 2.36
CA SER B 235 21.75 -7.66 2.25
C SER B 235 22.93 -7.00 2.95
N LYS B 236 23.73 -7.77 3.70
CA LYS B 236 24.83 -7.19 4.47
C LYS B 236 25.89 -6.57 3.57
N GLN B 246 28.83 -14.27 0.68
CA GLN B 246 27.72 -14.47 -0.25
C GLN B 246 26.62 -13.44 -0.01
N GLY B 247 26.54 -12.44 -0.89
CA GLY B 247 25.48 -11.45 -0.84
C GLY B 247 24.60 -11.48 -2.08
N PHE B 248 23.70 -10.50 -2.21
CA PHE B 248 22.84 -10.44 -3.39
C PHE B 248 23.68 -10.35 -4.66
N TRP B 249 24.65 -9.43 -4.67
CA TRP B 249 25.49 -9.27 -5.86
C TRP B 249 26.23 -10.54 -6.20
N GLU B 250 26.79 -11.22 -5.19
CA GLU B 250 27.54 -12.45 -5.44
C GLU B 250 26.64 -13.52 -6.05
N GLU B 251 25.43 -13.69 -5.49
CA GLU B 251 24.50 -14.68 -6.01
C GLU B 251 24.07 -14.33 -7.43
N PHE B 252 23.72 -13.07 -7.66
CA PHE B 252 23.21 -12.69 -8.98
C PHE B 252 24.27 -12.85 -10.06
N GLU B 253 25.49 -12.38 -9.79
CA GLU B 253 26.52 -12.49 -10.82
C GLU B 253 26.94 -13.93 -11.07
N THR B 254 26.76 -14.81 -10.08
CA THR B 254 27.04 -16.23 -10.28
C THR B 254 25.96 -16.85 -11.16
N LEU B 255 24.71 -16.45 -10.98
CA LEU B 255 23.64 -16.83 -11.90
C LEU B 255 23.90 -16.31 -13.30
N GLN B 256 24.26 -15.03 -13.42
CA GLN B 256 24.51 -14.45 -14.74
C GLN B 256 25.57 -15.23 -15.50
N GLN B 257 26.68 -15.57 -14.82
CA GLN B 257 27.73 -16.37 -15.47
C GLN B 257 27.17 -17.63 -16.13
N GLN B 258 26.13 -18.22 -15.56
CA GLN B 258 25.58 -19.47 -16.09
C GLN B 258 24.73 -19.25 -17.34
N GLU B 259 24.49 -18.01 -17.77
CA GLU B 259 23.64 -17.77 -18.92
C GLU B 259 24.28 -18.25 -20.22
N CYS B 260 25.59 -18.51 -20.23
CA CYS B 260 26.21 -19.02 -21.45
C CYS B 260 25.84 -20.47 -21.72
N LYS B 261 25.17 -21.15 -20.79
CA LYS B 261 24.66 -22.49 -21.00
C LYS B 261 23.32 -22.49 -21.71
N LEU B 262 22.74 -21.32 -21.98
CA LEU B 262 21.37 -21.18 -22.44
C LEU B 262 21.27 -20.57 -23.83
N LEU B 263 22.31 -20.75 -24.65
CA LEU B 263 22.32 -20.15 -26.00
C LEU B 263 21.61 -21.06 -27.01
N TYR B 264 20.36 -21.37 -26.72
CA TYR B 264 19.59 -22.24 -27.58
C TYR B 264 19.23 -21.53 -28.90
N SER B 265 18.93 -22.34 -29.91
CA SER B 265 18.67 -21.79 -31.23
C SER B 265 17.39 -20.98 -31.24
N ARG B 266 17.38 -19.95 -32.09
CA ARG B 266 16.23 -19.08 -32.31
C ARG B 266 16.02 -18.87 -33.81
N LYS B 267 16.05 -19.98 -34.56
CA LYS B 267 16.07 -19.91 -36.02
C LYS B 267 14.72 -19.46 -36.57
N GLU B 268 13.61 -19.93 -35.99
CA GLU B 268 12.31 -19.57 -36.53
C GLU B 268 12.05 -18.07 -36.44
N GLY B 269 12.52 -17.45 -35.35
CA GLY B 269 12.36 -16.02 -35.20
C GLY B 269 13.23 -15.18 -36.11
N GLN B 270 14.31 -15.76 -36.63
CA GLN B 270 15.22 -15.05 -37.52
C GLN B 270 14.83 -15.16 -38.98
N ARG B 271 13.82 -15.95 -39.32
CA ARG B 271 13.42 -16.11 -40.71
C ARG B 271 12.87 -14.81 -41.26
N GLN B 272 13.14 -14.55 -42.55
CA GLN B 272 12.73 -13.31 -43.19
C GLN B 272 11.25 -13.02 -42.96
N GLU B 273 10.39 -14.01 -43.17
CA GLU B 273 8.95 -13.78 -43.07
C GLU B 273 8.50 -13.49 -41.63
N ASN B 274 9.39 -13.63 -40.65
CA ASN B 274 9.04 -13.40 -39.25
C ASN B 274 9.71 -12.16 -38.65
N LYS B 275 10.52 -11.44 -39.44
CA LYS B 275 11.28 -10.34 -38.87
C LYS B 275 10.36 -9.23 -38.36
N ASN B 276 9.30 -8.91 -39.09
CA ASN B 276 8.44 -7.81 -38.67
C ASN B 276 7.40 -8.23 -37.63
N LYS B 277 7.49 -9.45 -37.13
CA LYS B 277 6.63 -9.93 -36.05
C LYS B 277 7.31 -9.87 -34.69
N ASN B 278 8.54 -9.36 -34.63
CA ASN B 278 9.30 -9.22 -33.39
C ASN B 278 9.40 -7.74 -33.03
N ARG B 279 9.04 -7.41 -31.79
CA ARG B 279 9.13 -6.02 -31.35
C ARG B 279 10.57 -5.54 -31.35
N TYR B 280 11.49 -6.37 -30.88
CA TYR B 280 12.92 -6.11 -30.91
C TYR B 280 13.60 -7.21 -31.71
N LYS B 281 14.41 -6.82 -32.69
CA LYS B 281 14.80 -7.76 -33.74
C LYS B 281 15.65 -8.91 -33.23
N ASN B 282 16.40 -8.70 -32.14
CA ASN B 282 17.30 -9.72 -31.60
C ASN B 282 16.78 -10.38 -30.33
N ILE B 283 15.61 -10.01 -29.85
CA ILE B 283 15.00 -10.65 -28.69
C ILE B 283 13.96 -11.62 -29.22
N LEU B 284 14.33 -12.90 -29.29
CA LEU B 284 13.62 -13.90 -30.03
C LEU B 284 13.28 -15.10 -29.15
N PRO B 285 12.25 -15.86 -29.50
CA PRO B 285 11.90 -17.04 -28.71
C PRO B 285 12.75 -18.24 -29.09
N PHE B 286 13.09 -19.07 -28.10
CA PHE B 286 13.77 -20.33 -28.37
C PHE B 286 12.90 -21.23 -29.23
N ASP B 287 13.51 -21.85 -30.24
CA ASP B 287 12.78 -22.79 -31.08
C ASP B 287 12.12 -23.90 -30.27
N HIS B 288 12.81 -24.41 -29.25
CA HIS B 288 12.32 -25.63 -28.61
C HIS B 288 11.19 -25.41 -27.63
N THR B 289 10.85 -24.16 -27.29
CA THR B 289 9.69 -23.87 -26.45
C THR B 289 8.72 -22.86 -27.07
N ARG B 290 8.98 -22.36 -28.27
CA ARG B 290 8.13 -21.33 -28.84
C ARG B 290 6.72 -21.87 -29.04
N VAL B 291 5.74 -20.98 -28.95
CA VAL B 291 4.36 -21.33 -29.25
C VAL B 291 4.22 -21.43 -30.77
N VAL B 292 3.85 -22.61 -31.25
CA VAL B 292 3.66 -22.85 -32.68
C VAL B 292 2.17 -22.73 -32.98
N LEU B 293 1.83 -21.84 -33.92
CA LEU B 293 0.44 -21.59 -34.26
C LEU B 293 0.01 -22.51 -35.40
N HIS B 294 -1.01 -23.31 -35.16
CA HIS B 294 -1.57 -24.18 -36.18
C HIS B 294 -2.84 -23.58 -36.78
N PRO B 301 -3.25 -20.50 -46.41
CA PRO B 301 -1.99 -20.51 -45.64
C PRO B 301 -2.10 -19.71 -44.34
N VAL B 302 -1.34 -20.09 -43.33
CA VAL B 302 -1.29 -19.35 -42.07
C VAL B 302 0.12 -19.46 -41.50
N SER B 303 0.68 -18.33 -41.11
CA SER B 303 1.99 -18.33 -40.46
C SER B 303 1.90 -18.98 -39.10
N ASP B 304 2.94 -19.71 -38.71
CA ASP B 304 2.94 -20.43 -37.45
C ASP B 304 3.69 -19.68 -36.35
N TYR B 305 4.12 -18.45 -36.59
CA TYR B 305 5.07 -17.78 -35.71
C TYR B 305 4.41 -16.70 -34.86
N ILE B 306 4.75 -16.71 -33.58
CA ILE B 306 4.53 -15.58 -32.68
C ILE B 306 5.69 -15.56 -31.70
N ASN B 307 6.11 -14.36 -31.30
CA ASN B 307 7.22 -14.21 -30.38
C ASN B 307 6.71 -14.50 -28.97
N ALA B 308 6.69 -15.78 -28.62
CA ALA B 308 6.13 -16.26 -27.36
C ALA B 308 6.71 -17.64 -27.05
N ASN B 309 6.85 -17.95 -25.76
CA ASN B 309 7.38 -19.23 -25.32
C ASN B 309 6.49 -19.84 -24.24
N ILE B 310 6.35 -21.17 -24.27
CA ILE B 310 5.74 -21.87 -23.15
C ILE B 310 6.74 -21.93 -22.00
N ILE B 311 6.33 -21.47 -20.83
CA ILE B 311 7.11 -21.63 -19.60
C ILE B 311 6.45 -22.73 -18.77
N MET B 312 7.13 -23.86 -18.66
CA MET B 312 6.63 -24.99 -17.88
C MET B 312 7.53 -25.21 -16.68
N PRO B 313 7.10 -24.88 -15.47
CA PRO B 313 7.97 -25.06 -14.31
C PRO B 313 8.32 -26.53 -14.09
N GLU B 314 9.62 -26.80 -13.93
CA GLU B 314 10.13 -28.14 -13.67
C GLU B 314 11.04 -28.07 -12.45
N PHE B 315 10.88 -29.03 -11.55
CA PHE B 315 11.66 -29.04 -10.31
C PHE B 315 12.27 -30.41 -10.06
N GLU B 316 11.43 -31.41 -9.85
CA GLU B 316 11.90 -32.79 -9.68
C GLU B 316 12.86 -32.92 -8.50
N ASN B 321 1.09 -34.21 -6.44
CA ASN B 321 -0.14 -33.44 -6.52
C ASN B 321 -1.26 -34.15 -7.27
N SER B 322 -2.49 -33.80 -6.91
CA SER B 322 -3.65 -34.04 -7.77
C SER B 322 -4.15 -32.74 -8.39
N LYS B 323 -3.62 -31.60 -7.97
CA LYS B 323 -3.99 -30.29 -8.50
C LYS B 323 -3.22 -30.03 -9.78
N PRO B 324 -3.89 -29.60 -10.85
CA PRO B 324 -3.15 -29.24 -12.07
C PRO B 324 -2.12 -28.15 -11.79
N LYS B 325 -0.92 -28.34 -12.31
CA LYS B 325 0.14 -27.37 -12.14
C LYS B 325 0.00 -26.27 -13.19
N LYS B 326 0.26 -25.03 -12.77
CA LYS B 326 0.14 -23.89 -13.66
C LYS B 326 1.29 -23.87 -14.66
N SER B 327 0.98 -23.44 -15.89
CA SER B 327 2.00 -23.13 -16.88
C SER B 327 1.73 -21.72 -17.41
N TYR B 328 2.70 -21.16 -18.11
CA TYR B 328 2.61 -19.78 -18.56
C TYR B 328 3.00 -19.71 -20.02
N ILE B 329 2.61 -18.61 -20.66
CA ILE B 329 3.16 -18.19 -21.94
C ILE B 329 3.75 -16.81 -21.75
N ALA B 330 5.04 -16.69 -21.97
CA ALA B 330 5.72 -15.40 -21.89
C ALA B 330 5.84 -14.85 -23.31
N THR B 331 5.35 -13.63 -23.51
CA THR B 331 5.31 -13.07 -24.84
C THR B 331 5.53 -11.56 -24.76
N GLN B 332 5.79 -10.97 -25.92
CA GLN B 332 6.01 -9.54 -26.04
C GLN B 332 4.67 -8.80 -26.11
N GLY B 333 4.74 -7.48 -25.92
CA GLY B 333 3.59 -6.64 -26.20
C GLY B 333 3.25 -6.63 -27.68
N CYS B 334 1.96 -6.77 -27.99
CA CYS B 334 1.52 -6.84 -29.38
C CYS B 334 2.04 -5.69 -30.21
N LEU B 335 2.36 -5.98 -31.47
CA LEU B 335 2.50 -4.98 -32.50
C LEU B 335 1.20 -4.92 -33.29
N GLN B 336 1.03 -3.84 -34.06
CA GLN B 336 -0.17 -3.69 -34.87
C GLN B 336 -0.42 -4.91 -35.73
N ASN B 337 0.65 -5.49 -36.29
CA ASN B 337 0.52 -6.62 -37.21
C ASN B 337 0.58 -7.98 -36.53
N THR B 338 0.61 -8.03 -35.19
CA THR B 338 0.58 -9.32 -34.50
C THR B 338 -0.62 -9.47 -33.57
N VAL B 339 -1.56 -8.52 -33.57
CA VAL B 339 -2.74 -8.63 -32.71
C VAL B 339 -3.53 -9.89 -33.07
N ASN B 340 -3.75 -10.12 -34.37
CA ASN B 340 -4.51 -11.29 -34.78
C ASN B 340 -3.82 -12.59 -34.35
N ASP B 341 -2.50 -12.65 -34.49
CA ASP B 341 -1.76 -13.83 -34.07
C ASP B 341 -1.82 -14.02 -32.56
N PHE B 342 -1.77 -12.92 -31.80
CA PHE B 342 -1.89 -13.01 -30.35
C PHE B 342 -3.19 -13.69 -29.95
N TRP B 343 -4.30 -13.31 -30.59
CA TRP B 343 -5.58 -13.92 -30.26
C TRP B 343 -5.68 -15.35 -30.78
N ARG B 344 -5.07 -15.63 -31.94
CA ARG B 344 -4.92 -17.02 -32.39
C ARG B 344 -4.25 -17.86 -31.31
N MET B 345 -3.23 -17.31 -30.66
CA MET B 345 -2.49 -18.07 -29.66
C MET B 345 -3.35 -18.30 -28.40
N VAL B 346 -4.02 -17.25 -27.93
CA VAL B 346 -4.84 -17.35 -26.73
C VAL B 346 -5.92 -18.40 -26.94
N PHE B 347 -6.54 -18.39 -28.12
CA PHE B 347 -7.59 -19.36 -28.44
C PHE B 347 -7.03 -20.78 -28.46
N GLN B 348 -5.97 -21.00 -29.23
CA GLN B 348 -5.48 -22.36 -29.46
C GLN B 348 -4.95 -22.99 -28.18
N GLU B 349 -4.33 -22.20 -27.32
CA GLU B 349 -3.79 -22.73 -26.07
C GLU B 349 -4.81 -22.77 -24.95
N ASN B 350 -6.05 -22.33 -25.20
CA ASN B 350 -7.11 -22.38 -24.20
C ASN B 350 -6.81 -21.49 -23.00
N SER B 351 -6.00 -20.47 -23.21
CA SER B 351 -5.70 -19.55 -22.12
C SER B 351 -6.95 -18.79 -21.69
N ARG B 352 -7.09 -18.62 -20.38
CA ARG B 352 -8.26 -17.94 -19.81
C ARG B 352 -7.89 -16.70 -19.01
N VAL B 353 -6.60 -16.44 -18.81
CA VAL B 353 -6.13 -15.33 -18.01
C VAL B 353 -4.95 -14.72 -18.74
N ILE B 354 -4.96 -13.41 -18.89
CA ILE B 354 -3.84 -12.67 -19.44
C ILE B 354 -3.34 -11.71 -18.36
N VAL B 355 -2.01 -11.59 -18.26
CA VAL B 355 -1.37 -10.67 -17.32
C VAL B 355 -0.58 -9.66 -18.14
N MET B 356 -1.03 -8.40 -18.15
CA MET B 356 -0.34 -7.30 -18.78
C MET B 356 0.41 -6.50 -17.72
N THR B 357 1.74 -6.38 -17.85
CA THR B 357 2.51 -5.65 -16.86
C THR B 357 3.18 -4.42 -17.45
N THR B 358 2.42 -3.61 -18.18
CA THR B 358 2.93 -2.42 -18.83
C THR B 358 1.75 -1.55 -19.24
N LYS B 359 1.99 -0.24 -19.31
CA LYS B 359 1.06 0.61 -20.03
C LYS B 359 1.29 0.47 -21.53
N GLU B 360 0.30 0.89 -22.32
CA GLU B 360 0.49 0.93 -23.75
C GLU B 360 1.66 1.84 -24.12
N VAL B 361 1.81 2.95 -23.40
CA VAL B 361 2.85 3.94 -23.67
C VAL B 361 3.54 4.28 -22.35
N GLU B 362 4.87 4.30 -22.38
CA GLU B 362 5.67 4.70 -21.23
C GLU B 362 6.82 5.55 -21.72
N ARG B 363 7.04 6.69 -21.05
CA ARG B 363 8.03 7.67 -21.50
C ARG B 363 7.80 8.06 -22.96
N GLY B 364 6.53 8.15 -23.35
CA GLY B 364 6.15 8.59 -24.68
C GLY B 364 6.40 7.59 -25.78
N LYS B 365 6.77 6.35 -25.46
CA LYS B 365 7.06 5.34 -26.47
C LYS B 365 6.09 4.18 -26.35
N SER B 366 5.75 3.60 -27.49
CA SER B 366 4.79 2.50 -27.52
C SER B 366 5.43 1.21 -27.01
N LYS B 367 4.80 0.60 -26.01
CA LYS B 367 5.26 -0.67 -25.48
C LYS B 367 4.36 -1.83 -25.85
N CYS B 368 3.10 -1.56 -26.19
CA CYS B 368 2.10 -2.57 -26.49
C CYS B 368 0.89 -1.90 -27.13
N VAL B 369 0.49 -2.32 -28.31
CA VAL B 369 -0.68 -1.76 -28.96
C VAL B 369 -1.92 -2.31 -28.28
N LYS B 370 -2.98 -1.51 -28.26
CA LYS B 370 -4.24 -1.94 -27.70
C LYS B 370 -4.81 -3.10 -28.52
N TYR B 371 -4.94 -4.26 -27.89
CA TYR B 371 -5.44 -5.46 -28.57
C TYR B 371 -6.80 -5.90 -28.05
N TRP B 372 -7.47 -5.07 -27.26
CA TRP B 372 -8.79 -5.36 -26.73
C TRP B 372 -9.76 -4.24 -27.13
N PRO B 373 -11.04 -4.56 -27.27
CA PRO B 373 -12.02 -3.52 -27.62
C PRO B 373 -12.29 -2.59 -26.44
N ASP B 374 -12.84 -1.42 -26.77
CA ASP B 374 -13.36 -0.56 -25.72
C ASP B 374 -14.44 -1.31 -24.95
N GLU B 375 -14.65 -0.89 -23.70
CA GLU B 375 -15.67 -1.52 -22.88
C GLU B 375 -17.00 -1.56 -23.63
N TYR B 376 -17.64 -2.73 -23.61
CA TYR B 376 -18.94 -3.03 -24.20
C TYR B 376 -18.86 -3.26 -25.70
N ALA B 377 -17.72 -2.99 -26.36
CA ALA B 377 -17.65 -3.08 -27.80
C ALA B 377 -17.31 -4.51 -28.24
N LEU B 378 -17.51 -4.75 -29.53
CA LEU B 378 -17.22 -6.02 -30.17
C LEU B 378 -16.29 -5.76 -31.34
N LYS B 379 -15.20 -6.52 -31.42
CA LYS B 379 -14.24 -6.40 -32.50
C LYS B 379 -13.92 -7.78 -33.06
N GLU B 380 -13.64 -7.82 -34.37
CA GLU B 380 -13.11 -9.03 -35.00
C GLU B 380 -11.63 -8.80 -35.26
N TYR B 381 -10.80 -9.70 -34.76
CA TYR B 381 -9.36 -9.68 -34.98
C TYR B 381 -9.04 -10.87 -35.87
N GLY B 382 -9.07 -10.65 -37.18
CA GLY B 382 -8.94 -11.79 -38.08
C GLY B 382 -10.10 -12.74 -37.88
N VAL B 383 -9.79 -14.03 -37.69
CA VAL B 383 -10.82 -15.04 -37.52
C VAL B 383 -11.39 -15.09 -36.10
N MET B 384 -10.84 -14.29 -35.18
CA MET B 384 -11.25 -14.32 -33.78
C MET B 384 -12.14 -13.11 -33.47
N ARG B 385 -13.13 -13.34 -32.60
CA ARG B 385 -14.08 -12.33 -32.18
C ARG B 385 -13.93 -12.10 -30.69
N VAL B 386 -13.84 -10.82 -30.28
CA VAL B 386 -13.64 -10.45 -28.88
C VAL B 386 -14.66 -9.40 -28.49
N ARG B 387 -15.43 -9.67 -27.45
CA ARG B 387 -16.25 -8.67 -26.78
C ARG B 387 -15.63 -8.31 -25.44
N ASN B 388 -15.58 -7.01 -25.14
CA ASN B 388 -15.18 -6.53 -23.83
C ASN B 388 -16.44 -6.43 -22.99
N VAL B 389 -16.69 -7.45 -22.16
CA VAL B 389 -17.94 -7.55 -21.44
C VAL B 389 -18.05 -6.47 -20.37
N LYS B 390 -16.95 -6.20 -19.67
CA LYS B 390 -16.98 -5.24 -18.56
C LYS B 390 -15.56 -5.02 -18.06
N GLU B 391 -15.27 -3.79 -17.64
CA GLU B 391 -14.00 -3.42 -17.02
C GLU B 391 -14.23 -3.05 -15.56
N SER B 392 -13.41 -3.61 -14.68
CA SER B 392 -13.38 -3.24 -13.27
C SER B 392 -12.03 -2.62 -12.96
N ALA B 393 -12.05 -1.40 -12.40
CA ALA B 393 -10.83 -0.63 -12.20
C ALA B 393 -10.46 -0.60 -10.72
N ALA B 394 -9.21 -0.93 -10.43
CA ALA B 394 -8.57 -0.68 -9.15
C ALA B 394 -7.43 0.30 -9.38
N HIS B 395 -6.79 0.75 -8.30
CA HIS B 395 -5.74 1.76 -8.47
C HIS B 395 -4.54 1.20 -9.22
N ASP B 396 -4.10 0.00 -8.87
CA ASP B 396 -2.91 -0.58 -9.48
C ASP B 396 -3.19 -1.30 -10.80
N TYR B 397 -4.43 -1.69 -11.05
CA TYR B 397 -4.69 -2.50 -12.25
C TYR B 397 -6.15 -2.38 -12.64
N THR B 398 -6.40 -2.71 -13.92
CA THR B 398 -7.74 -2.84 -14.46
C THR B 398 -7.97 -4.29 -14.84
N LEU B 399 -9.17 -4.78 -14.56
CA LEU B 399 -9.59 -6.11 -14.97
C LEU B 399 -10.59 -5.97 -16.12
N ARG B 400 -10.33 -6.66 -17.22
CA ARG B 400 -11.20 -6.61 -18.38
C ARG B 400 -11.72 -8.02 -18.62
N GLU B 401 -13.05 -8.17 -18.57
CA GLU B 401 -13.69 -9.45 -18.86
C GLU B 401 -13.94 -9.52 -20.37
N LEU B 402 -13.20 -10.38 -21.06
CA LEU B 402 -13.24 -10.47 -22.51
C LEU B 402 -13.84 -11.81 -22.93
N LYS B 403 -14.73 -11.75 -23.91
CA LYS B 403 -15.39 -12.94 -24.46
C LYS B 403 -14.76 -13.24 -25.82
N LEU B 404 -14.08 -14.37 -25.92
CA LEU B 404 -13.33 -14.73 -27.13
C LEU B 404 -14.04 -15.89 -27.84
N SER B 405 -14.19 -15.77 -29.15
CA SER B 405 -14.77 -16.84 -29.95
C SER B 405 -14.21 -16.77 -31.37
N LYS B 406 -14.42 -17.85 -32.12
CA LYS B 406 -14.00 -17.92 -33.51
C LYS B 406 -15.15 -17.46 -34.40
N VAL B 407 -14.86 -16.54 -35.32
CA VAL B 407 -15.90 -16.05 -36.22
C VAL B 407 -16.44 -17.21 -37.04
N GLY B 408 -17.77 -17.29 -37.13
CA GLY B 408 -18.44 -18.27 -37.98
C GLY B 408 -18.48 -19.68 -37.45
N GLN B 409 -18.05 -19.92 -36.22
CA GLN B 409 -18.00 -21.26 -35.64
C GLN B 409 -18.68 -21.23 -34.28
N GLY B 410 -19.86 -21.83 -34.19
CA GLY B 410 -20.57 -21.85 -32.94
C GLY B 410 -19.89 -22.72 -31.90
N ASN B 411 -20.19 -22.44 -30.64
CA ASN B 411 -19.72 -23.25 -29.52
C ASN B 411 -18.20 -23.15 -29.33
N THR B 412 -17.64 -21.96 -29.58
CA THR B 412 -16.22 -21.74 -29.36
C THR B 412 -15.97 -20.64 -28.32
N GLU B 413 -17.03 -20.11 -27.69
CA GLU B 413 -16.89 -18.99 -26.78
C GLU B 413 -16.18 -19.38 -25.49
N ARG B 414 -15.30 -18.52 -25.01
CA ARG B 414 -14.78 -18.68 -23.66
C ARG B 414 -14.38 -17.31 -23.13
N THR B 415 -14.53 -17.13 -21.82
CA THR B 415 -14.17 -15.87 -21.18
C THR B 415 -12.67 -15.84 -20.90
N VAL B 416 -12.03 -14.74 -21.29
CA VAL B 416 -10.61 -14.51 -21.04
C VAL B 416 -10.52 -13.29 -20.15
N TRP B 417 -9.82 -13.43 -19.03
CA TRP B 417 -9.74 -12.39 -18.01
C TRP B 417 -8.38 -11.69 -18.12
N GLN B 418 -8.40 -10.42 -18.51
CA GLN B 418 -7.17 -9.67 -18.70
C GLN B 418 -6.93 -8.77 -17.49
N TYR B 419 -5.83 -9.03 -16.77
CA TYR B 419 -5.41 -8.23 -15.63
C TYR B 419 -4.32 -7.28 -16.10
N HIS B 420 -4.59 -5.98 -16.11
CA HIS B 420 -3.69 -4.98 -16.68
C HIS B 420 -3.10 -4.14 -15.55
N PHE B 421 -1.90 -4.52 -15.11
CA PHE B 421 -1.18 -3.77 -14.10
C PHE B 421 -0.62 -2.48 -14.70
N ARG B 422 -0.91 -1.35 -14.06
N ARG B 422 -0.90 -1.34 -14.06
CA ARG B 422 -0.62 -0.04 -14.63
CA ARG B 422 -0.61 -0.04 -14.67
C ARG B 422 0.42 0.77 -13.88
C ARG B 422 0.23 0.89 -13.79
N THR B 423 0.71 0.44 -12.63
CA THR B 423 1.54 1.27 -11.77
C THR B 423 2.99 0.83 -11.68
N TRP B 424 3.41 -0.20 -12.41
CA TRP B 424 4.82 -0.54 -12.44
C TRP B 424 5.63 0.67 -12.89
N PRO B 425 6.66 1.08 -12.14
CA PRO B 425 7.41 2.28 -12.50
C PRO B 425 8.11 2.12 -13.84
N ASP B 426 8.42 3.26 -14.45
CA ASP B 426 9.03 3.26 -15.78
C ASP B 426 10.38 2.59 -15.76
N HIS B 427 11.21 2.92 -14.76
CA HIS B 427 12.52 2.33 -14.57
C HIS B 427 12.56 1.58 -13.24
N GLY B 428 13.26 0.46 -13.20
CA GLY B 428 13.47 -0.24 -11.95
C GLY B 428 12.25 -1.05 -11.53
N VAL B 429 12.08 -1.16 -10.22
CA VAL B 429 11.02 -2.00 -9.66
C VAL B 429 10.29 -1.23 -8.58
N PRO B 430 9.09 -1.67 -8.20
CA PRO B 430 8.37 -1.00 -7.10
C PRO B 430 9.18 -1.07 -5.82
N SER B 431 9.02 -0.04 -4.99
CA SER B 431 9.71 -0.02 -3.71
C SER B 431 9.13 -1.00 -2.71
N ASP B 432 7.86 -1.38 -2.89
CA ASP B 432 7.21 -2.35 -2.01
C ASP B 432 6.50 -3.38 -2.89
N PRO B 433 6.66 -4.68 -2.61
CA PRO B 433 6.01 -5.71 -3.43
C PRO B 433 4.56 -5.96 -3.10
N GLY B 434 3.98 -5.19 -2.16
CA GLY B 434 2.63 -5.47 -1.71
C GLY B 434 1.60 -5.40 -2.83
N GLY B 435 1.69 -4.35 -3.65
CA GLY B 435 0.74 -4.20 -4.74
C GLY B 435 0.84 -5.31 -5.76
N VAL B 436 2.06 -5.70 -6.13
CA VAL B 436 2.26 -6.80 -7.07
C VAL B 436 1.74 -8.10 -6.47
N LEU B 437 1.93 -8.29 -5.16
CA LEU B 437 1.50 -9.55 -4.54
C LEU B 437 -0.02 -9.65 -4.50
N ASP B 438 -0.71 -8.57 -4.12
CA ASP B 438 -2.17 -8.58 -4.13
C ASP B 438 -2.71 -8.85 -5.54
N PHE B 439 -2.12 -8.21 -6.54
CA PHE B 439 -2.47 -8.48 -7.94
C PHE B 439 -2.24 -9.95 -8.27
N LEU B 440 -1.04 -10.47 -8.02
N LEU B 440 -1.03 -10.45 -8.04
CA LEU B 440 -0.76 -11.86 -8.32
CA LEU B 440 -0.71 -11.85 -8.27
C LEU B 440 -1.72 -12.80 -7.61
C LEU B 440 -1.74 -12.77 -7.62
N GLU B 441 -2.15 -12.45 -6.39
CA GLU B 441 -3.06 -13.33 -5.66
C GLU B 441 -4.42 -13.40 -6.34
N GLU B 442 -4.92 -12.26 -6.83
CA GLU B 442 -6.19 -12.27 -7.56
C GLU B 442 -6.07 -13.07 -8.85
N VAL B 443 -4.98 -12.90 -9.59
CA VAL B 443 -4.76 -13.66 -10.81
C VAL B 443 -4.78 -15.16 -10.51
N HIS B 444 -4.15 -15.57 -9.41
CA HIS B 444 -4.06 -16.99 -9.09
C HIS B 444 -5.44 -17.59 -8.81
N HIS B 445 -6.27 -16.87 -8.05
CA HIS B 445 -7.58 -17.40 -7.71
C HIS B 445 -8.49 -17.46 -8.93
N LYS B 446 -8.39 -16.49 -9.83
CA LYS B 446 -9.16 -16.55 -11.07
C LYS B 446 -8.78 -17.77 -11.89
N GLN B 447 -7.47 -17.98 -12.07
CA GLN B 447 -7.00 -19.16 -12.79
C GLN B 447 -7.43 -20.45 -12.10
N GLU B 448 -7.27 -20.51 -10.78
CA GLU B 448 -7.60 -21.74 -10.06
C GLU B 448 -9.09 -22.05 -10.17
N SER B 449 -9.93 -21.02 -10.30
CA SER B 449 -11.38 -21.19 -10.33
C SER B 449 -11.91 -21.69 -11.67
N ILE B 450 -11.10 -21.69 -12.73
CA ILE B 450 -11.56 -22.06 -14.06
C ILE B 450 -11.07 -23.47 -14.37
N MET B 451 -12.00 -24.43 -14.42
CA MET B 451 -11.66 -25.80 -14.75
C MET B 451 -10.99 -25.87 -16.12
N ASP B 452 -9.87 -26.58 -16.18
CA ASP B 452 -9.20 -26.89 -17.45
C ASP B 452 -8.63 -25.67 -18.15
N ALA B 453 -8.48 -24.54 -17.45
CA ALA B 453 -7.87 -23.37 -18.07
C ALA B 453 -6.46 -23.70 -18.55
N GLY B 454 -6.03 -23.02 -19.61
CA GLY B 454 -4.73 -23.25 -20.18
C GLY B 454 -3.68 -22.36 -19.55
N PRO B 455 -2.53 -22.24 -20.19
CA PRO B 455 -1.45 -21.43 -19.61
C PRO B 455 -1.89 -19.99 -19.40
N VAL B 456 -1.27 -19.35 -18.41
CA VAL B 456 -1.48 -17.94 -18.12
C VAL B 456 -0.56 -17.13 -19.02
N VAL B 457 -1.14 -16.25 -19.81
CA VAL B 457 -0.35 -15.40 -20.71
C VAL B 457 0.16 -14.21 -19.92
N VAL B 458 1.47 -13.96 -19.98
CA VAL B 458 2.10 -12.85 -19.29
C VAL B 458 2.95 -12.09 -20.29
N HIS B 459 2.80 -10.77 -20.33
CA HIS B 459 3.58 -9.99 -21.27
C HIS B 459 3.83 -8.60 -20.71
N CYS B 460 4.90 -7.99 -21.21
CA CYS B 460 5.20 -6.59 -20.95
C CYS B 460 5.55 -5.92 -22.28
N SER B 461 6.78 -5.42 -22.40
CA SER B 461 7.25 -4.89 -23.67
C SER B 461 7.97 -6.00 -24.45
N ALA B 462 9.20 -6.31 -24.05
CA ALA B 462 9.93 -7.39 -24.71
C ALA B 462 9.53 -8.75 -24.16
N GLY B 463 8.92 -8.79 -22.98
CA GLY B 463 8.44 -10.04 -22.42
C GLY B 463 9.49 -10.90 -21.76
N ILE B 464 10.56 -10.29 -21.21
CA ILE B 464 11.58 -11.08 -20.54
C ILE B 464 11.90 -10.52 -19.15
N GLY B 465 11.83 -9.20 -19.00
CA GLY B 465 12.16 -8.59 -17.72
C GLY B 465 11.02 -8.61 -16.73
N ARG B 466 10.08 -7.65 -16.86
CA ARG B 466 8.92 -7.66 -15.99
C ARG B 466 8.17 -8.97 -16.08
N THR B 467 8.02 -9.49 -17.30
CA THR B 467 7.35 -10.78 -17.46
C THR B 467 8.07 -11.87 -16.67
N GLY B 468 9.38 -11.99 -16.85
CA GLY B 468 10.14 -12.98 -16.10
C GLY B 468 10.02 -12.80 -14.60
N THR B 469 10.07 -11.55 -14.14
CA THR B 469 9.95 -11.29 -12.70
C THR B 469 8.60 -11.74 -12.16
N PHE B 470 7.50 -11.37 -12.83
N PHE B 470 7.51 -11.39 -12.83
CA PHE B 470 6.19 -11.81 -12.40
CA PHE B 470 6.19 -11.82 -12.39
C PHE B 470 6.11 -13.34 -12.35
C PHE B 470 6.09 -13.34 -12.35
N ILE B 471 6.54 -14.00 -13.42
CA ILE B 471 6.37 -15.44 -13.52
C ILE B 471 7.19 -16.15 -12.44
N VAL B 472 8.43 -15.73 -12.22
CA VAL B 472 9.24 -16.36 -11.19
C VAL B 472 8.60 -16.19 -9.82
N ILE B 473 8.13 -14.98 -9.51
CA ILE B 473 7.45 -14.76 -8.23
C ILE B 473 6.25 -15.69 -8.09
N ASP B 474 5.41 -15.75 -9.14
CA ASP B 474 4.25 -16.62 -9.09
C ASP B 474 4.66 -18.08 -8.87
N ILE B 475 5.74 -18.51 -9.52
CA ILE B 475 6.20 -19.90 -9.37
C ILE B 475 6.61 -20.16 -7.92
N LEU B 476 7.44 -19.28 -7.37
CA LEU B 476 7.93 -19.48 -6.02
C LEU B 476 6.78 -19.51 -5.02
N ILE B 477 5.80 -18.62 -5.17
CA ILE B 477 4.69 -18.57 -4.23
C ILE B 477 3.84 -19.83 -4.34
N ASP B 478 3.58 -20.29 -5.57
CA ASP B 478 2.80 -21.51 -5.76
C ASP B 478 3.42 -22.68 -5.00
N ILE B 479 4.75 -22.76 -4.97
CA ILE B 479 5.41 -23.80 -4.18
C ILE B 479 5.01 -23.70 -2.72
N ILE B 480 5.04 -22.48 -2.17
CA ILE B 480 4.65 -22.28 -0.78
C ILE B 480 3.16 -22.58 -0.59
N ARG B 481 2.35 -22.26 -1.60
CA ARG B 481 0.92 -22.58 -1.54
C ARG B 481 0.68 -24.05 -1.27
N GLU B 482 1.33 -24.91 -2.05
CA GLU B 482 1.02 -26.33 -2.02
C GLU B 482 1.84 -27.11 -0.99
N LYS B 483 2.90 -26.51 -0.44
CA LYS B 483 3.78 -27.22 0.49
C LYS B 483 3.87 -26.58 1.87
N GLY B 484 3.27 -25.42 2.08
CA GLY B 484 3.39 -24.74 3.35
C GLY B 484 4.71 -23.99 3.47
N VAL B 485 4.76 -23.08 4.45
CA VAL B 485 5.94 -22.26 4.63
C VAL B 485 7.18 -23.08 4.93
N ASP B 486 6.98 -24.34 5.34
N ASP B 486 7.01 -24.33 5.36
CA ASP B 486 8.08 -25.27 5.60
CA ASP B 486 8.14 -25.21 5.62
C ASP B 486 8.35 -26.05 4.33
C ASP B 486 8.40 -26.05 4.37
N CYS B 487 9.19 -25.48 3.45
CA CYS B 487 9.54 -26.14 2.20
C CYS B 487 10.80 -25.49 1.66
N ASP B 488 11.46 -26.21 0.76
CA ASP B 488 12.68 -25.72 0.14
C ASP B 488 12.34 -24.87 -1.08
N ILE B 489 13.01 -23.73 -1.20
CA ILE B 489 12.99 -22.93 -2.41
C ILE B 489 14.42 -22.56 -2.78
N ASP B 490 14.65 -22.35 -4.07
CA ASP B 490 15.98 -22.02 -4.59
C ASP B 490 15.77 -21.02 -5.72
N VAL B 491 15.92 -19.74 -5.41
CA VAL B 491 15.58 -18.65 -6.31
C VAL B 491 16.43 -18.71 -7.57
N PRO B 492 17.76 -18.69 -7.47
CA PRO B 492 18.58 -18.73 -8.70
C PRO B 492 18.38 -20.00 -9.50
N LYS B 493 18.14 -21.14 -8.85
CA LYS B 493 17.88 -22.36 -9.60
C LYS B 493 16.56 -22.27 -10.36
N THR B 494 15.55 -21.66 -9.74
CA THR B 494 14.28 -21.45 -10.43
C THR B 494 14.45 -20.48 -11.60
N ILE B 495 15.18 -19.39 -11.39
CA ILE B 495 15.39 -18.44 -12.48
C ILE B 495 16.11 -19.13 -13.64
N GLN B 496 17.14 -19.93 -13.35
CA GLN B 496 17.88 -20.58 -14.42
C GLN B 496 16.97 -21.52 -15.21
N MET B 497 16.06 -22.22 -14.52
CA MET B 497 15.16 -23.15 -15.20
C MET B 497 14.16 -22.41 -16.10
N VAL B 498 13.78 -21.18 -15.73
CA VAL B 498 12.87 -20.40 -16.56
C VAL B 498 13.62 -19.75 -17.72
N ARG B 499 14.87 -19.33 -17.48
CA ARG B 499 15.69 -18.78 -18.56
C ARG B 499 16.02 -19.80 -19.64
N SER B 500 15.90 -21.09 -19.34
CA SER B 500 16.15 -22.10 -20.36
C SER B 500 14.97 -22.27 -21.30
N GLN B 501 13.86 -21.57 -21.03
CA GLN B 501 12.67 -21.64 -21.86
C GLN B 501 12.33 -20.33 -22.55
N ARG B 502 12.91 -19.21 -22.11
CA ARG B 502 12.85 -17.95 -22.84
C ARG B 502 14.06 -17.11 -22.44
N SER B 503 14.68 -16.46 -23.42
CA SER B 503 15.96 -15.79 -23.19
C SER B 503 15.85 -14.68 -22.16
N GLY B 504 16.71 -14.72 -21.15
CA GLY B 504 16.85 -13.60 -20.24
C GLY B 504 15.67 -13.28 -19.35
N MET B 505 14.81 -14.25 -19.06
CA MET B 505 13.82 -14.11 -17.99
C MET B 505 14.47 -13.57 -16.72
N VAL B 506 13.95 -12.44 -16.22
CA VAL B 506 14.58 -11.69 -15.14
C VAL B 506 15.84 -11.00 -15.68
N GLN B 507 15.79 -9.68 -15.77
CA GLN B 507 16.81 -8.90 -16.47
C GLN B 507 17.89 -8.33 -15.56
N THR B 508 17.53 -7.87 -14.36
CA THR B 508 18.42 -7.01 -13.58
C THR B 508 18.55 -7.49 -12.16
N GLU B 509 19.60 -7.01 -11.48
CA GLU B 509 19.76 -7.34 -10.07
C GLU B 509 18.66 -6.73 -9.22
N ALA B 510 18.14 -5.56 -9.62
CA ALA B 510 17.04 -4.96 -8.88
C ALA B 510 15.82 -5.87 -8.89
N GLN B 511 15.55 -6.52 -10.02
CA GLN B 511 14.44 -7.48 -10.08
C GLN B 511 14.75 -8.72 -9.26
N TYR B 512 16.01 -9.15 -9.26
CA TYR B 512 16.42 -10.28 -8.44
C TYR B 512 16.12 -10.02 -6.96
N ARG B 513 16.58 -8.88 -6.45
CA ARG B 513 16.26 -8.51 -5.08
C ARG B 513 14.75 -8.40 -4.87
N PHE B 514 14.04 -7.84 -5.84
CA PHE B 514 12.59 -7.70 -5.71
C PHE B 514 11.92 -9.07 -5.56
N ILE B 515 12.46 -10.08 -6.25
CA ILE B 515 11.91 -11.43 -6.16
C ILE B 515 12.03 -11.95 -4.73
N TYR B 516 13.22 -11.82 -4.15
CA TYR B 516 13.40 -12.17 -2.73
C TYR B 516 12.45 -11.37 -1.85
N MET B 517 12.36 -10.07 -2.08
N MET B 517 12.33 -10.08 -2.10
CA MET B 517 11.48 -9.22 -1.28
CA MET B 517 11.48 -9.24 -1.26
C MET B 517 10.03 -9.69 -1.37
C MET B 517 10.02 -9.64 -1.38
N ALA B 518 9.58 -10.06 -2.57
CA ALA B 518 8.20 -10.48 -2.75
C ALA B 518 7.91 -11.77 -2.00
N VAL B 519 8.83 -12.73 -2.07
CA VAL B 519 8.63 -14.00 -1.36
C VAL B 519 8.60 -13.79 0.14
N GLN B 520 9.55 -12.98 0.65
CA GLN B 520 9.58 -12.69 2.08
C GLN B 520 8.30 -12.00 2.52
N HIS B 521 7.88 -10.96 1.79
CA HIS B 521 6.65 -10.26 2.13
C HIS B 521 5.46 -11.20 2.11
N TYR B 522 5.39 -12.09 1.11
CA TYR B 522 4.29 -13.04 1.07
C TYR B 522 4.29 -13.94 2.30
N ILE B 523 5.44 -14.53 2.62
CA ILE B 523 5.52 -15.42 3.77
C ILE B 523 5.12 -14.70 5.05
N GLU B 524 5.52 -13.44 5.18
CA GLU B 524 5.28 -12.71 6.42
C GLU B 524 3.79 -12.49 6.68
N THR B 525 3.02 -12.24 5.62
CA THR B 525 1.59 -11.96 5.76
C THR B 525 0.73 -13.21 5.66
N LEU B 526 1.30 -14.39 5.92
CA LEU B 526 0.53 -15.62 5.95
C LEU B 526 -0.02 -15.90 7.34
#